data_8URU
#
_entry.id   8URU
#
_cell.length_a   1.00
_cell.length_b   1.00
_cell.length_c   1.00
_cell.angle_alpha   90.00
_cell.angle_beta   90.00
_cell.angle_gamma   90.00
#
_symmetry.space_group_name_H-M   'P 1'
#
loop_
_entity.id
_entity.type
_entity.pdbx_description
1 polymer 'Meiosis-specific protein SPO11'
2 polymer 'Meiotic recombination protein REC102'
3 polymer 'Antiviral protein SKI8'
4 polymer 'Meiotic recombination protein REC104'
5 polymer 'Hairpin DNA'
6 non-polymer 'MAGNESIUM ION'
#
loop_
_entity_poly.entity_id
_entity_poly.type
_entity_poly.pdbx_seq_one_letter_code
_entity_poly.pdbx_strand_id
1 'polypeptide(L)'
;MALEGLRKKYKTRQELVKALTPKRRSIHLNSNGHSNGTPCSNADVLAHIKHFLSLAANSLEQHQQPISIVFQNKKKKGDT
NSPDIHTTLDFPLNGPHLSTHQFKLKRCAILLNLLKVVMEKLPLGKNTTVRDIFYSNVELFQRQANVVQWLDVIRFNFKL
SPRKSLNIIPAQKGLVYSPFPIDIYDNILTCENEPKMQKQTIFSGKPCLIPFFQDDAVIKLGTTSMCNIVIVEKEAVFTK
LVNNYHKLSTNTMLITGKGFPDFLTRLFLKKLEQYCSNLISDCSIFTDADPYGISIALNYTHSNERNAYICTMANYKGIR
ITQVLAQNNEVHNKSIQLLSLNQRDYSLAKNLIASLTANSWDIATSPLKNVVIECQREIFFQKKAEMNEIDAGIFKYKSR
HHHHHHHHHHGDYKDDDDKDYKDDDDKDYKDDDDK
;
A
2 'polypeptide(L)'
;MARDITFLTVFLESCGAVNNDEAGKLLSAWTSTVRIEGPEPTDSNSLYIPLLPPGMLKIKLNFKMNDRLVTEEQELFTKL
REIVGSSIRFWEEQLFYQVQDVSTIENHVILSLKCTILTDAQISTFISKPRELHTHAKGYPEIYYLSELSTTVNFFSKEG
NYVEISHVIPHFNEYFSSLIVSQLEFEYPMVFSMISRLRLKWQQSSLAPISYALTSNSVLLPIMLNMIAQDKSSTTAYQI
LCRRRGPPIQNFQIFSIPAVTYNK
;
B
3 'polypeptide(L)'
;MSKVFIATANAGKAHDADIFSVSACNSFTVSCSGDGYLKVWDNKLLDNENPKDKSYSHFVHKSGLHHVDVLQTIERDAFE
LCLVATTSFSGDLLFYRITREDETKKVIFEKLDLLDSDMKKHSFWALKWGASNDRLLSHRLVATDVKGTTYIWKFHPFAD
ESNSLTLNWSPTLELQGTVESPMTPSQFATSVDISERGLIATGFNNGTVQISELSTLRPLYNFESQHSMINNSNSIRSVK
FSPQGSLLAIAHDSNSFGCITLYETEFGERIGSLSVPTHSSQASLGEFAHSSWVMSLSFNDSGETLCSAGWDGKLRFWDV
KTKERITTLNMHCDDIEIEEDILAVDEHGDSLAEPGVFDVKFLKKGWRSGMGADLNESLCCVCLDRSIRWFREAGGK
;
C
4 'polypeptide(L)'
;MSIEEEDTNKITCTQDFLHQYFVTERVSIQFGLNNKTVKRINKDEFDKAVNCIMSWTNYPKPGLKRTASTYLLSNSFKKS
ATVSLPFILDDPVCMPKRVESNNNDTCLLYSDTLYDDPLIQRNDQAGDEIEDEFSFTLLRSEVNEIRPISSSSTAQILQS
DYSALMYERQASNGSIFQFSSP
;
F
5 'polydeoxyribonucleotide'
;(DT)(DA)(DG)(DC)(DA)(DA)(DT)(DG)(DT)(DA)(DA)(DT)(DC)(DG)(DT)(DC)(DT)(DA)(DT)(DG)
(DA)(DC)(DG)(DT)(DT)(DA)(DA)(DC)(DG)(DT)(DC)(DA)(DT)(DA)(DG)(DA)(DC)(DG)(DA)(DT)
(DT)(DA)(DC)(DA)(DT)(DT)(DG)(DC)
;
D
#
loop_
_chem_comp.id
_chem_comp.type
_chem_comp.name
_chem_comp.formula
DA DNA linking 2'-DEOXYADENOSINE-5'-MONOPHOSPHATE 'C10 H14 N5 O6 P'
DC DNA linking 2'-DEOXYCYTIDINE-5'-MONOPHOSPHATE 'C9 H14 N3 O7 P'
DG DNA linking 2'-DEOXYGUANOSINE-5'-MONOPHOSPHATE 'C10 H14 N5 O7 P'
DT DNA linking THYMIDINE-5'-MONOPHOSPHATE 'C10 H15 N2 O8 P'
MG non-polymer 'MAGNESIUM ION' 'Mg 2'
#
# COMPACT_ATOMS: atom_id res chain seq x y z
N ALA A 2 11.61 -39.45 -21.65
CA ALA A 2 12.24 -38.50 -22.56
C ALA A 2 11.32 -38.14 -23.70
N LEU A 3 11.20 -36.84 -24.00
CA LEU A 3 10.33 -36.40 -25.09
C LEU A 3 10.81 -36.96 -26.43
N GLU A 4 12.11 -37.21 -26.55
CA GLU A 4 12.64 -37.85 -27.75
C GLU A 4 12.21 -39.31 -27.79
N GLY A 5 11.45 -39.67 -28.83
CA GLY A 5 10.93 -41.02 -28.95
C GLY A 5 9.63 -41.28 -28.22
N LEU A 6 9.05 -40.27 -27.58
CA LEU A 6 7.78 -40.40 -26.88
C LEU A 6 6.71 -39.49 -27.47
N ARG A 7 7.09 -38.47 -28.24
CA ARG A 7 6.11 -37.53 -28.78
C ARG A 7 5.16 -38.18 -29.77
N LYS A 8 5.57 -39.32 -30.37
CA LYS A 8 4.73 -39.97 -31.35
C LYS A 8 3.56 -40.69 -30.69
N LYS A 9 3.74 -41.12 -29.44
CA LYS A 9 2.64 -41.78 -28.72
C LYS A 9 1.50 -40.81 -28.43
N TYR A 10 1.84 -39.64 -27.88
CA TYR A 10 0.86 -38.66 -27.41
C TYR A 10 0.97 -37.42 -28.28
N LYS A 11 -0.11 -37.07 -28.98
CA LYS A 11 -0.08 -36.02 -29.99
C LYS A 11 -0.73 -34.75 -29.46
N THR A 12 -0.39 -33.62 -30.10
CA THR A 12 -0.95 -32.28 -29.92
C THR A 12 -0.76 -31.74 -28.50
N ARG A 13 -0.94 -30.43 -28.33
CA ARG A 13 -0.72 -29.82 -27.03
C ARG A 13 -1.74 -30.32 -26.01
N GLN A 14 -2.96 -30.63 -26.46
CA GLN A 14 -3.92 -31.30 -25.60
C GLN A 14 -3.44 -32.70 -25.25
N GLU A 15 -3.66 -33.07 -23.99
CA GLU A 15 -3.40 -34.41 -23.43
C GLU A 15 -1.90 -34.67 -23.26
N LEU A 16 -1.06 -33.83 -23.86
CA LEU A 16 0.36 -33.91 -23.55
C LEU A 16 0.65 -33.29 -22.19
N VAL A 17 -0.04 -32.18 -21.88
CA VAL A 17 0.05 -31.62 -20.53
C VAL A 17 -0.55 -32.58 -19.52
N LYS A 18 -1.58 -33.35 -19.93
CA LYS A 18 -2.11 -34.38 -19.06
C LYS A 18 -1.08 -35.47 -18.79
N ALA A 19 -0.34 -35.88 -19.83
CA ALA A 19 0.71 -36.87 -19.65
C ALA A 19 1.82 -36.34 -18.74
N LEU A 20 2.27 -35.10 -18.97
CA LEU A 20 3.38 -34.57 -18.21
C LEU A 20 2.98 -34.21 -16.78
N THR A 21 1.74 -33.77 -16.58
CA THR A 21 1.28 -33.49 -15.23
C THR A 21 1.14 -34.80 -14.46
N PRO A 22 1.82 -34.95 -13.33
CA PRO A 22 1.61 -36.15 -12.51
C PRO A 22 0.30 -36.08 -11.76
N LYS A 23 -0.37 -37.22 -11.60
CA LYS A 23 -1.64 -37.24 -10.89
C LYS A 23 -1.43 -36.81 -9.44
N ARG A 24 -2.35 -35.99 -8.94
CA ARG A 24 -2.25 -35.41 -7.61
C ARG A 24 -3.28 -36.07 -6.70
N ARG A 25 -2.81 -36.69 -5.62
CA ARG A 25 -3.69 -37.29 -4.62
C ARG A 25 -4.18 -36.18 -3.69
N SER A 26 -5.29 -35.56 -4.10
CA SER A 26 -5.85 -34.42 -3.39
C SER A 26 -6.23 -34.81 -1.97
N ILE A 27 -5.90 -33.95 -1.01
CA ILE A 27 -6.17 -34.20 0.40
C ILE A 27 -6.95 -33.02 0.95
N HIS A 28 -8.07 -33.30 1.60
CA HIS A 28 -8.99 -32.28 2.10
C HIS A 28 -8.70 -32.04 3.57
N LEU A 29 -8.13 -30.88 3.89
CA LEU A 29 -7.90 -30.52 5.29
C LEU A 29 -9.21 -30.15 5.98
N ASN A 30 -10.16 -29.60 5.22
CA ASN A 30 -11.42 -29.13 5.80
C ASN A 30 -12.33 -30.28 6.18
N SER A 31 -13.54 -29.95 6.64
CA SER A 31 -14.53 -30.94 7.07
C SER A 31 -13.98 -31.84 8.17
N CYS A 40 -17.61 -29.82 16.68
CA CYS A 40 -16.45 -30.69 16.75
C CYS A 40 -15.74 -30.57 18.10
N SER A 41 -15.88 -31.59 18.93
CA SER A 41 -15.25 -31.61 20.24
C SER A 41 -13.74 -31.80 20.10
N ASN A 42 -13.07 -31.81 21.26
CA ASN A 42 -11.62 -31.98 21.27
C ASN A 42 -11.21 -33.31 20.64
N ALA A 43 -11.92 -34.39 20.99
CA ALA A 43 -11.65 -35.68 20.37
C ALA A 43 -11.93 -35.62 18.87
N ASP A 44 -13.06 -35.01 18.49
CA ASP A 44 -13.40 -34.89 17.07
C ASP A 44 -12.40 -34.03 16.32
N VAL A 45 -11.96 -32.92 16.93
CA VAL A 45 -10.98 -32.07 16.29
C VAL A 45 -9.64 -32.79 16.14
N LEU A 46 -9.20 -33.51 17.16
CA LEU A 46 -7.96 -34.26 17.13
C LEU A 46 -8.00 -35.42 16.14
N ALA A 47 -9.15 -36.07 15.97
CA ALA A 47 -9.25 -37.20 15.05
C ALA A 47 -8.93 -36.78 13.61
N HIS A 48 -9.55 -35.69 13.15
CA HIS A 48 -9.29 -35.22 11.79
C HIS A 48 -7.83 -34.82 11.62
N ILE A 49 -7.27 -34.12 12.60
CA ILE A 49 -5.89 -33.66 12.50
C ILE A 49 -4.92 -34.84 12.43
N LYS A 50 -5.13 -35.83 13.30
CA LYS A 50 -4.24 -36.99 13.33
C LYS A 50 -4.39 -37.84 12.08
N HIS A 51 -5.62 -38.01 11.58
CA HIS A 51 -5.81 -38.75 10.34
C HIS A 51 -5.18 -38.04 9.16
N PHE A 52 -5.26 -36.70 9.14
CA PHE A 52 -4.75 -35.92 8.02
C PHE A 52 -3.24 -36.13 7.85
N LEU A 53 -2.48 -35.95 8.94
CA LEU A 53 -1.03 -36.11 8.85
C LEU A 53 -0.65 -37.53 8.45
N SER A 54 -1.32 -38.53 9.03
CA SER A 54 -1.00 -39.91 8.72
C SER A 54 -1.27 -40.24 7.25
N LEU A 55 -2.44 -39.83 6.74
CA LEU A 55 -2.77 -40.18 5.36
C LEU A 55 -1.92 -39.37 4.38
N ALA A 56 -1.46 -38.19 4.79
CA ALA A 56 -0.52 -37.45 3.95
C ALA A 56 0.84 -38.12 3.94
N ALA A 57 1.27 -38.66 5.08
CA ALA A 57 2.58 -39.31 5.16
C ALA A 57 2.59 -40.64 4.42
N ASN A 58 1.45 -41.34 4.39
CA ASN A 58 1.39 -42.63 3.71
C ASN A 58 1.67 -42.48 2.22
N SER A 59 1.13 -41.43 1.60
CA SER A 59 1.35 -41.22 0.17
C SER A 59 2.84 -40.99 -0.14
N LEU A 60 3.50 -40.18 0.68
CA LEU A 60 4.91 -39.89 0.45
C LEU A 60 5.79 -41.11 0.73
N GLU A 61 5.47 -41.86 1.79
CA GLU A 61 6.35 -42.93 2.23
C GLU A 61 6.27 -44.15 1.30
N GLN A 62 5.08 -44.51 0.86
CA GLN A 62 4.86 -45.76 0.13
C GLN A 62 4.63 -45.55 -1.36
N HIS A 63 3.63 -44.76 -1.74
CA HIS A 63 3.20 -44.67 -3.13
C HIS A 63 3.95 -43.62 -3.93
N GLN A 64 4.76 -42.78 -3.29
CA GLN A 64 5.51 -41.73 -3.98
C GLN A 64 4.58 -40.85 -4.82
N GLN A 65 3.44 -40.49 -4.24
CA GLN A 65 2.45 -39.67 -4.94
C GLN A 65 2.44 -38.27 -4.37
N PRO A 66 2.47 -37.24 -5.22
CA PRO A 66 2.51 -35.86 -4.72
C PRO A 66 1.26 -35.51 -3.94
N ILE A 67 1.45 -34.94 -2.76
CA ILE A 67 0.34 -34.48 -1.94
C ILE A 67 -0.12 -33.11 -2.43
N SER A 68 -1.34 -32.72 -2.03
CA SER A 68 -1.91 -31.44 -2.40
C SER A 68 -2.86 -31.00 -1.30
N ILE A 69 -2.35 -30.18 -0.37
CA ILE A 69 -3.14 -29.69 0.74
C ILE A 69 -4.15 -28.70 0.20
N VAL A 70 -5.44 -29.04 0.31
CA VAL A 70 -6.52 -28.19 -0.18
C VAL A 70 -7.40 -27.80 0.99
N PHE A 71 -7.88 -26.55 0.97
CA PHE A 71 -8.73 -26.04 2.03
C PHE A 71 -9.42 -24.77 1.53
N GLN A 72 -10.41 -24.32 2.28
CA GLN A 72 -11.15 -23.11 1.98
C GLN A 72 -10.92 -22.09 3.09
N ASN A 73 -10.25 -21.00 2.76
CA ASN A 73 -9.89 -19.99 3.74
C ASN A 73 -11.06 -19.05 4.00
N LYS A 74 -10.80 -18.05 4.84
CA LYS A 74 -11.82 -17.06 5.17
C LYS A 74 -12.16 -16.24 3.94
N LYS A 75 -13.46 -15.96 3.76
CA LYS A 75 -13.91 -15.19 2.61
C LYS A 75 -13.82 -13.70 2.90
N LYS A 76 -13.42 -12.94 1.88
CA LYS A 76 -13.29 -11.49 2.00
C LYS A 76 -14.53 -10.79 1.43
N ILE A 85 -13.90 -20.69 -0.73
CA ILE A 85 -12.99 -20.26 -1.78
C ILE A 85 -11.83 -21.24 -1.90
N HIS A 86 -11.65 -21.79 -3.11
CA HIS A 86 -10.61 -22.78 -3.34
C HIS A 86 -9.23 -22.16 -3.25
N THR A 87 -8.35 -22.85 -2.52
CA THR A 87 -6.92 -22.51 -2.48
C THR A 87 -6.15 -23.80 -2.25
N THR A 88 -4.96 -23.90 -2.82
CA THR A 88 -4.21 -25.14 -2.83
C THR A 88 -2.73 -24.86 -2.58
N LEU A 89 -2.12 -25.70 -1.73
CA LEU A 89 -0.69 -25.69 -1.51
C LEU A 89 -0.18 -27.11 -1.75
N ASP A 90 0.64 -27.32 -2.75
CA ASP A 90 1.10 -28.67 -2.98
C ASP A 90 2.58 -28.74 -2.97
N PHE A 91 3.09 -29.94 -3.10
CA PHE A 91 4.49 -30.19 -3.10
C PHE A 91 4.62 -31.27 -4.11
N PRO A 92 5.50 -31.14 -5.10
CA PRO A 92 6.61 -30.25 -5.41
C PRO A 92 6.33 -29.27 -6.53
N LEU A 93 5.62 -28.20 -6.19
CA LEU A 93 5.32 -27.14 -7.12
C LEU A 93 4.78 -27.61 -8.48
N ASN A 94 3.66 -28.29 -8.42
CA ASN A 94 2.98 -28.82 -9.60
C ASN A 94 2.74 -27.72 -10.60
N GLY A 95 2.84 -26.49 -10.14
CA GLY A 95 2.43 -25.35 -10.94
C GLY A 95 3.11 -25.24 -12.29
N PRO A 96 2.39 -24.71 -13.27
CA PRO A 96 2.93 -24.61 -14.63
C PRO A 96 3.78 -23.36 -14.81
N HIS A 97 4.78 -23.46 -15.67
CA HIS A 97 5.77 -22.40 -15.93
C HIS A 97 6.34 -21.98 -14.59
N LEU A 98 6.51 -20.69 -14.31
CA LEU A 98 6.92 -20.22 -13.01
C LEU A 98 6.12 -18.97 -12.66
N SER A 99 5.80 -18.85 -11.38
CA SER A 99 5.14 -17.68 -10.83
C SER A 99 5.98 -17.27 -9.63
N THR A 100 6.49 -16.05 -9.65
CA THR A 100 7.37 -15.53 -8.60
C THR A 100 6.79 -15.79 -7.21
N HIS A 101 5.46 -15.87 -7.13
CA HIS A 101 4.78 -16.18 -5.89
C HIS A 101 5.20 -17.57 -5.44
N GLN A 102 5.55 -18.46 -6.37
CA GLN A 102 5.85 -19.86 -6.03
C GLN A 102 7.17 -19.92 -5.25
N PHE A 103 7.12 -19.33 -4.06
CA PHE A 103 8.18 -19.41 -3.06
C PHE A 103 7.42 -19.67 -1.76
N LYS A 104 6.42 -20.55 -1.88
CA LYS A 104 5.35 -20.68 -0.89
C LYS A 104 5.37 -22.00 -0.14
N LEU A 105 6.30 -22.92 -0.45
CA LEU A 105 6.35 -24.17 0.30
C LEU A 105 6.66 -23.91 1.77
N LYS A 106 7.23 -22.74 2.08
CA LYS A 106 7.43 -22.35 3.46
C LYS A 106 6.11 -22.23 4.20
N ARG A 107 5.09 -21.70 3.52
CA ARG A 107 3.77 -21.61 4.14
C ARG A 107 3.16 -22.98 4.39
N CYS A 108 3.37 -23.92 3.45
CA CYS A 108 2.90 -25.29 3.66
C CYS A 108 3.61 -25.93 4.85
N ALA A 109 4.93 -25.74 4.96
CA ALA A 109 5.67 -26.28 6.08
C ALA A 109 5.19 -25.66 7.40
N ILE A 110 4.90 -24.35 7.38
CA ILE A 110 4.38 -23.68 8.58
C ILE A 110 3.04 -24.28 8.98
N LEU A 111 2.16 -24.52 8.00
CA LEU A 111 0.86 -25.12 8.29
C LEU A 111 1.02 -26.52 8.90
N LEU A 112 1.90 -27.33 8.31
CA LEU A 112 2.11 -28.69 8.82
C LEU A 112 2.68 -28.66 10.23
N ASN A 113 3.65 -27.79 10.48
CA ASN A 113 4.24 -27.70 11.82
C ASN A 113 3.22 -27.20 12.83
N LEU A 114 2.39 -26.24 12.44
CA LEU A 114 1.34 -25.77 13.36
C LEU A 114 0.36 -26.89 13.67
N LEU A 115 -0.02 -27.68 12.67
CA LEU A 115 -0.91 -28.81 12.92
C LEU A 115 -0.28 -29.81 13.88
N LYS A 116 1.01 -30.11 13.66
CA LYS A 116 1.70 -31.06 14.55
C LYS A 116 1.76 -30.53 15.97
N VAL A 117 2.10 -29.24 16.12
CA VAL A 117 2.22 -28.66 17.45
C VAL A 117 0.86 -28.62 18.15
N VAL A 118 -0.20 -28.26 17.41
CA VAL A 118 -1.53 -28.23 18.00
C VAL A 118 -1.95 -29.63 18.45
N MET A 119 -1.73 -30.63 17.61
CA MET A 119 -2.12 -31.99 17.97
C MET A 119 -1.31 -32.51 19.15
N GLU A 120 -0.04 -32.07 19.26
CA GLU A 120 0.79 -32.53 20.36
C GLU A 120 0.42 -31.85 21.68
N LYS A 121 0.06 -30.56 21.64
CA LYS A 121 -0.26 -29.82 22.85
C LYS A 121 -1.73 -29.89 23.22
N LEU A 122 -2.58 -30.45 22.37
CA LEU A 122 -4.01 -30.58 22.67
C LEU A 122 -4.30 -31.45 23.90
N PRO A 123 -3.75 -32.67 23.99
CA PRO A 123 -4.13 -33.52 25.14
C PRO A 123 -3.59 -33.03 26.47
N LEU A 124 -2.62 -32.11 26.46
CA LEU A 124 -2.04 -31.64 27.72
C LEU A 124 -3.07 -30.87 28.54
N GLY A 125 -3.97 -30.16 27.87
CA GLY A 125 -5.09 -29.53 28.55
C GLY A 125 -4.84 -28.15 29.11
N LYS A 126 -3.68 -27.56 28.86
CA LYS A 126 -3.38 -26.21 29.33
C LYS A 126 -3.10 -25.32 28.11
N ASN A 127 -3.79 -24.19 28.05
CA ASN A 127 -3.65 -23.30 26.90
C ASN A 127 -2.26 -22.67 26.87
N THR A 128 -1.70 -22.57 25.66
CA THR A 128 -0.39 -21.98 25.45
C THR A 128 -0.53 -20.77 24.54
N THR A 129 0.20 -19.70 24.85
CA THR A 129 0.07 -18.46 24.10
C THR A 129 0.67 -18.60 22.72
N VAL A 130 0.22 -17.73 21.80
CA VAL A 130 0.76 -17.71 20.45
C VAL A 130 2.23 -17.31 20.46
N ARG A 131 2.59 -16.36 21.33
CA ARG A 131 3.98 -15.92 21.42
C ARG A 131 4.89 -17.07 21.85
N ASP A 132 4.42 -17.92 22.77
CA ASP A 132 5.20 -19.07 23.18
C ASP A 132 5.42 -20.03 22.01
N ILE A 133 4.37 -20.26 21.22
CA ILE A 133 4.49 -21.15 20.06
C ILE A 133 5.51 -20.59 19.06
N PHE A 134 5.43 -19.28 18.81
CA PHE A 134 6.39 -18.66 17.89
C PHE A 134 7.82 -18.75 18.43
N TYR A 135 7.99 -18.52 19.73
CA TYR A 135 9.33 -18.56 20.32
C TYR A 135 9.88 -19.98 20.34
N SER A 136 9.00 -20.99 20.35
CA SER A 136 9.45 -22.36 20.39
C SER A 136 10.25 -22.72 19.15
N ASN A 137 9.78 -22.31 17.98
CA ASN A 137 10.45 -22.57 16.71
C ASN A 137 10.46 -21.28 15.89
N VAL A 138 11.49 -20.46 16.09
CA VAL A 138 11.57 -19.15 15.45
C VAL A 138 12.09 -19.22 14.02
N GLU A 139 12.89 -20.24 13.69
CA GLU A 139 13.56 -20.28 12.39
C GLU A 139 12.56 -20.32 11.25
N LEU A 140 11.51 -21.14 11.38
CA LEU A 140 10.57 -21.33 10.30
C LEU A 140 9.36 -20.41 10.37
N PHE A 141 8.80 -20.19 11.58
CA PHE A 141 7.63 -19.34 11.70
C PHE A 141 7.95 -17.89 11.31
N GLN A 142 9.12 -17.39 11.70
CA GLN A 142 9.53 -16.01 11.47
C GLN A 142 8.50 -15.09 12.11
N ARG A 143 7.96 -14.09 11.41
CA ARG A 143 7.08 -13.13 12.04
C ARG A 143 5.84 -13.82 12.61
N GLN A 144 5.41 -13.34 13.79
CA GLN A 144 4.26 -13.89 14.48
C GLN A 144 2.96 -13.70 13.71
N ALA A 145 2.92 -12.76 12.76
CA ALA A 145 1.73 -12.58 11.93
C ALA A 145 1.43 -13.84 11.13
N ASN A 146 2.46 -14.58 10.71
CA ASN A 146 2.24 -15.83 10.00
C ASN A 146 1.48 -16.83 10.87
N VAL A 147 1.95 -17.03 12.11
CA VAL A 147 1.28 -17.96 13.01
C VAL A 147 -0.13 -17.48 13.32
N VAL A 148 -0.30 -16.17 13.54
CA VAL A 148 -1.62 -15.64 13.87
C VAL A 148 -2.60 -15.88 12.72
N GLN A 149 -2.16 -15.63 11.49
CA GLN A 149 -3.04 -15.83 10.34
C GLN A 149 -3.35 -17.31 10.12
N TRP A 150 -2.34 -18.17 10.24
CA TRP A 150 -2.59 -19.60 9.99
C TRP A 150 -3.46 -20.21 11.09
N LEU A 151 -3.36 -19.71 12.32
CA LEU A 151 -4.25 -20.18 13.37
C LEU A 151 -5.70 -19.86 13.03
N ASP A 152 -5.97 -18.63 12.55
CA ASP A 152 -7.32 -18.28 12.16
C ASP A 152 -7.79 -19.10 10.98
N VAL A 153 -6.90 -19.36 10.03
CA VAL A 153 -7.25 -20.21 8.89
C VAL A 153 -7.64 -21.60 9.35
N ILE A 154 -6.87 -22.17 10.28
CA ILE A 154 -7.18 -23.49 10.81
C ILE A 154 -8.51 -23.48 11.55
N ARG A 155 -8.74 -22.44 12.36
CA ARG A 155 -9.99 -22.35 13.12
C ARG A 155 -11.20 -22.29 12.19
N PHE A 156 -11.11 -21.49 11.13
CA PHE A 156 -12.24 -21.35 10.22
C PHE A 156 -12.39 -22.59 9.35
N ASN A 157 -11.29 -23.30 9.08
CA ASN A 157 -11.35 -24.43 8.16
C ASN A 157 -12.08 -25.62 8.77
N PHE A 158 -11.97 -25.79 10.08
CA PHE A 158 -12.68 -26.85 10.79
C PHE A 158 -14.06 -26.41 11.27
N LYS A 159 -14.51 -25.21 10.90
CA LYS A 159 -15.71 -24.56 11.40
C LYS A 159 -15.64 -24.31 12.90
N LEU A 160 -14.46 -24.41 13.50
CA LEU A 160 -14.31 -24.09 14.91
C LEU A 160 -14.47 -22.59 15.12
N SER A 161 -15.29 -22.23 16.09
CA SER A 161 -15.52 -20.83 16.38
C SER A 161 -14.26 -20.20 16.98
N PRO A 162 -13.85 -19.02 16.47
CA PRO A 162 -12.69 -18.35 17.07
C PRO A 162 -12.89 -18.02 18.53
N ARG A 163 -14.14 -17.84 18.97
CA ARG A 163 -14.40 -17.58 20.38
C ARG A 163 -14.01 -18.76 21.25
N LYS A 164 -14.33 -19.98 20.82
CA LYS A 164 -13.91 -21.20 21.51
C LYS A 164 -12.55 -21.57 20.94
N SER A 165 -11.49 -21.11 21.59
CA SER A 165 -10.14 -21.26 21.07
C SER A 165 -9.72 -22.74 21.08
N LEU A 166 -8.86 -23.11 20.16
CA LEU A 166 -8.35 -24.48 20.10
C LEU A 166 -7.12 -24.56 21.03
N ASN A 167 -7.35 -24.24 22.30
CA ASN A 167 -6.35 -24.23 23.37
C ASN A 167 -5.14 -23.36 23.01
N ILE A 168 -5.41 -22.21 22.40
CA ILE A 168 -4.38 -21.24 22.05
C ILE A 168 -4.94 -19.85 22.28
N ILE A 169 -4.20 -19.02 23.02
CA ILE A 169 -4.73 -17.76 23.53
C ILE A 169 -3.78 -16.62 23.17
N PRO A 170 -4.30 -15.39 23.07
CA PRO A 170 -3.44 -14.25 22.78
C PRO A 170 -2.56 -13.96 23.97
N ALA A 171 -1.40 -13.37 23.78
CA ALA A 171 -0.49 -13.12 24.90
C ALA A 171 -0.83 -12.14 26.02
N GLN A 172 -2.00 -11.49 25.97
CA GLN A 172 -2.54 -10.50 26.93
C GLN A 172 -1.86 -9.14 26.90
N LYS A 173 -2.69 -8.10 26.79
CA LYS A 173 -2.20 -6.75 26.64
C LYS A 173 -2.67 -5.67 27.61
N GLY A 174 -3.95 -5.39 27.62
CA GLY A 174 -4.45 -4.32 28.44
C GLY A 174 -4.42 -4.34 29.94
N LEU A 175 -3.77 -3.32 30.50
CA LEU A 175 -3.61 -3.15 31.95
C LEU A 175 -4.73 -2.34 32.58
N VAL A 176 -4.97 -2.46 33.86
CA VAL A 176 -5.99 -1.67 34.54
C VAL A 176 -5.43 -1.05 35.81
N TYR A 177 -6.14 -0.04 36.31
CA TYR A 177 -5.85 0.57 37.61
C TYR A 177 -7.12 0.77 38.43
N SER A 178 -7.93 -0.26 38.58
CA SER A 178 -9.09 -0.15 39.45
C SER A 178 -8.64 -0.04 40.90
N PRO A 179 -9.30 0.81 41.71
CA PRO A 179 -8.97 0.96 43.13
C PRO A 179 -9.57 -0.14 44.00
N PRO A 181 -10.60 -4.90 42.99
CA PRO A 181 -11.59 -5.98 42.93
C PRO A 181 -11.65 -6.67 41.56
N ILE A 182 -12.71 -6.40 40.81
CA ILE A 182 -12.90 -6.94 39.47
C ILE A 182 -12.80 -8.47 39.50
N ASP A 183 -13.75 -9.10 40.19
CA ASP A 183 -13.76 -10.55 40.27
C ASP A 183 -14.15 -11.17 38.93
N ILE A 184 -13.40 -12.18 38.51
CA ILE A 184 -13.61 -12.87 37.25
C ILE A 184 -13.94 -14.32 37.56
N TYR A 185 -14.96 -14.87 36.89
CA TYR A 185 -15.34 -16.26 37.06
C TYR A 185 -15.36 -16.93 35.70
N ASP A 186 -15.07 -18.23 35.69
CA ASP A 186 -14.93 -18.99 34.45
C ASP A 186 -15.10 -20.47 34.78
N ASN A 187 -15.41 -21.25 33.75
CA ASN A 187 -15.39 -22.71 33.83
C ASN A 187 -14.17 -23.22 33.09
N ILE A 188 -13.37 -24.06 33.77
CA ILE A 188 -12.10 -24.53 33.25
C ILE A 188 -12.28 -25.97 32.77
N LEU A 189 -11.91 -26.22 31.52
CA LEU A 189 -12.07 -27.55 30.94
C LEU A 189 -11.11 -28.54 31.60
N THR A 190 -11.63 -29.74 31.87
CA THR A 190 -10.86 -30.84 32.48
C THR A 190 -10.26 -30.45 33.82
N PRO A 195 -13.36 -34.16 30.65
CA PRO A 195 -14.06 -32.87 30.65
C PRO A 195 -14.60 -32.51 32.03
N LYS A 196 -14.26 -31.31 32.51
CA LYS A 196 -14.69 -30.83 33.81
C LYS A 196 -14.92 -29.33 33.75
N MET A 197 -15.51 -28.80 34.81
CA MET A 197 -15.73 -27.36 34.96
C MET A 197 -15.26 -26.93 36.35
N GLN A 198 -14.39 -25.92 36.38
CA GLN A 198 -13.86 -25.39 37.64
C GLN A 198 -13.92 -23.87 37.60
N LYS A 199 -14.15 -23.27 38.77
CA LYS A 199 -14.30 -21.83 38.92
C LYS A 199 -13.15 -21.27 39.73
N GLN A 200 -12.69 -20.07 39.37
CA GLN A 200 -11.59 -19.42 40.05
C GLN A 200 -11.92 -17.94 40.27
N THR A 201 -11.06 -17.28 41.03
CA THR A 201 -11.16 -15.84 41.30
C THR A 201 -9.77 -15.21 41.11
N ILE A 202 -9.72 -14.10 40.40
CA ILE A 202 -8.47 -13.44 40.05
C ILE A 202 -8.42 -12.10 40.76
N PHE A 203 -7.26 -11.75 41.29
CA PHE A 203 -7.10 -10.57 42.12
C PHE A 203 -6.72 -9.34 41.30
N SER A 204 -7.07 -8.16 41.83
CA SER A 204 -6.70 -6.89 41.23
C SER A 204 -6.55 -5.82 42.29
N GLY A 205 -6.46 -4.55 41.87
CA GLY A 205 -6.33 -3.44 42.79
C GLY A 205 -5.09 -2.59 42.61
N LYS A 206 -4.19 -2.98 41.73
CA LYS A 206 -2.94 -2.26 41.50
C LYS A 206 -2.59 -2.41 40.01
N PRO A 207 -1.77 -1.52 39.47
CA PRO A 207 -1.52 -1.57 38.02
C PRO A 207 -0.94 -2.91 37.60
N CYS A 208 -1.74 -3.67 36.85
CA CYS A 208 -1.40 -5.03 36.47
C CYS A 208 -2.36 -5.49 35.38
N LEU A 209 -2.34 -6.77 35.05
CA LEU A 209 -3.12 -7.29 33.93
C LEU A 209 -4.04 -8.41 34.42
N ILE A 210 -5.20 -8.49 33.78
CA ILE A 210 -6.17 -9.56 33.96
C ILE A 210 -5.82 -10.65 32.95
N PRO A 211 -5.40 -11.84 33.39
CA PRO A 211 -4.77 -12.78 32.44
C PRO A 211 -5.68 -13.25 31.31
N PHE A 212 -6.84 -13.85 31.62
CA PHE A 212 -7.67 -14.39 30.56
C PHE A 212 -9.05 -14.78 31.10
N PHE A 213 -10.06 -14.61 30.27
CA PHE A 213 -11.40 -15.14 30.51
C PHE A 213 -12.12 -15.22 29.18
N GLN A 214 -12.70 -16.38 28.88
CA GLN A 214 -13.43 -16.56 27.63
C GLN A 214 -14.73 -15.76 27.66
N ASP A 215 -15.32 -15.58 26.49
CA ASP A 215 -16.59 -14.85 26.42
C ASP A 215 -17.73 -15.66 27.03
N ASP A 216 -17.63 -16.99 26.95
CA ASP A 216 -18.56 -17.83 27.71
C ASP A 216 -18.43 -17.56 29.20
N ALA A 217 -17.20 -17.37 29.68
CA ALA A 217 -16.99 -16.87 31.03
C ALA A 217 -17.47 -15.44 31.14
N VAL A 218 -17.85 -15.05 32.36
CA VAL A 218 -18.39 -13.73 32.62
C VAL A 218 -17.68 -13.12 33.83
N ILE A 219 -17.79 -11.80 33.94
CA ILE A 219 -17.06 -11.04 34.95
C ILE A 219 -18.06 -10.31 35.85
N LYS A 220 -17.57 -9.96 37.04
CA LYS A 220 -18.30 -9.09 37.96
C LYS A 220 -17.46 -7.86 38.25
N LEU A 221 -17.99 -7.00 39.12
CA LEU A 221 -17.29 -5.82 39.59
C LEU A 221 -17.49 -5.70 41.10
N GLY A 222 -16.46 -5.20 41.77
CA GLY A 222 -16.52 -5.01 43.21
C GLY A 222 -17.02 -3.64 43.62
N ASN A 228 -16.90 6.58 34.73
CA ASN A 228 -15.67 7.32 35.00
C ASN A 228 -14.45 6.55 34.50
N ILE A 229 -14.68 5.56 33.63
CA ILE A 229 -13.58 4.82 33.04
C ILE A 229 -12.85 5.72 32.06
N VAL A 230 -11.52 5.71 32.14
CA VAL A 230 -10.67 6.57 31.32
C VAL A 230 -9.83 5.68 30.44
N ILE A 231 -10.15 5.62 29.14
CA ILE A 231 -9.34 4.90 28.17
C ILE A 231 -8.15 5.75 27.78
N VAL A 232 -6.95 5.16 27.79
CA VAL A 232 -5.75 5.84 27.34
C VAL A 232 -5.04 4.94 26.34
N GLU A 233 -4.88 5.45 25.13
CA GLU A 233 -4.30 4.67 24.07
C GLU A 233 -2.80 4.65 23.95
N LYS A 234 -2.13 5.70 24.42
CA LYS A 234 -0.68 5.79 24.25
C LYS A 234 0.05 4.90 25.25
N GLU A 235 -0.48 4.78 26.47
CA GLU A 235 0.05 3.93 27.52
C GLU A 235 1.33 4.54 28.11
N ALA A 236 1.84 5.60 27.47
CA ALA A 236 2.98 6.32 28.04
C ALA A 236 2.50 7.50 28.88
N VAL A 237 1.50 8.23 28.38
CA VAL A 237 0.81 9.21 29.21
C VAL A 237 0.08 8.52 30.36
N PHE A 238 -0.31 7.26 30.15
CA PHE A 238 -0.90 6.44 31.20
C PHE A 238 -0.01 6.39 32.44
N THR A 239 1.28 6.11 32.25
CA THR A 239 2.18 6.02 33.39
C THR A 239 2.70 7.40 33.81
N LYS A 240 1.80 8.38 33.83
CA LYS A 240 1.98 9.62 34.56
C LYS A 240 0.71 9.90 35.35
N LEU A 241 -0.43 9.59 34.73
CA LEU A 241 -1.71 9.73 35.41
C LEU A 241 -1.89 8.65 36.47
N VAL A 242 -1.22 7.50 36.29
CA VAL A 242 -1.20 6.51 37.37
C VAL A 242 -0.45 7.06 38.58
N ASN A 243 0.61 7.84 38.32
CA ASN A 243 1.41 8.40 39.41
C ASN A 243 0.67 9.53 40.11
N ASN A 244 0.06 10.43 39.34
CA ASN A 244 -0.59 11.60 39.94
C ASN A 244 -1.90 11.23 40.62
N TYR A 245 -2.87 10.72 39.85
CA TYR A 245 -4.20 10.37 40.36
C TYR A 245 -4.83 11.56 41.08
N HIS A 246 -4.95 12.67 40.36
CA HIS A 246 -5.57 13.87 40.91
C HIS A 246 -7.04 13.98 40.48
N ASN A 251 -11.96 8.37 42.52
CA ASN A 251 -12.00 6.93 42.37
C ASN A 251 -12.42 6.53 40.96
N THR A 252 -11.60 6.91 39.97
CA THR A 252 -11.88 6.61 38.57
C THR A 252 -11.11 5.36 38.17
N MET A 253 -11.81 4.23 38.14
CA MET A 253 -11.18 3.01 37.62
C MET A 253 -10.73 3.23 36.19
N LEU A 254 -9.47 2.89 35.92
CA LEU A 254 -8.72 3.46 34.82
C LEU A 254 -8.34 2.40 33.79
N ILE A 255 -9.32 1.59 33.37
CA ILE A 255 -9.13 0.57 32.34
C ILE A 255 -8.48 1.21 31.12
N THR A 256 -7.42 0.57 30.60
CA THR A 256 -6.79 1.03 29.36
C THR A 256 -6.44 -0.14 28.46
N GLY A 257 -5.66 0.13 27.43
CA GLY A 257 -5.10 -0.87 26.56
C GLY A 257 -3.71 -0.47 26.11
N LYS A 258 -3.47 -0.55 24.80
CA LYS A 258 -2.24 -0.02 24.21
C LYS A 258 -2.61 0.63 22.88
N GLY A 259 -1.62 0.87 22.01
CA GLY A 259 -1.84 1.57 20.76
C GLY A 259 -3.11 1.16 20.05
N PHE A 260 -3.19 -0.08 19.56
CA PHE A 260 -4.44 -0.62 19.09
C PHE A 260 -4.91 -1.70 20.07
N PRO A 261 -6.19 -1.75 20.41
CA PRO A 261 -6.62 -2.59 21.53
C PRO A 261 -6.49 -4.06 21.20
N ASP A 262 -6.13 -4.85 22.20
CA ASP A 262 -6.11 -6.30 22.04
C ASP A 262 -7.52 -6.85 22.21
N PHE A 263 -7.72 -8.07 21.70
CA PHE A 263 -9.06 -8.67 21.72
C PHE A 263 -9.60 -8.72 23.14
N LEU A 264 -8.74 -9.03 24.10
CA LEU A 264 -9.19 -9.19 25.48
C LEU A 264 -9.68 -7.87 26.07
N THR A 265 -9.11 -6.74 25.62
CA THR A 265 -9.54 -5.45 26.15
C THR A 265 -10.96 -5.12 25.74
N ARG A 266 -11.29 -5.28 24.45
CA ARG A 266 -12.66 -5.07 24.01
C ARG A 266 -13.60 -6.08 24.65
N LEU A 267 -13.16 -7.33 24.80
CA LEU A 267 -13.98 -8.32 25.50
C LEU A 267 -14.26 -7.88 26.94
N PHE A 268 -13.23 -7.35 27.63
CA PHE A 268 -13.39 -6.89 29.00
C PHE A 268 -14.37 -5.73 29.08
N LEU A 269 -14.27 -4.77 28.15
CA LEU A 269 -15.19 -3.64 28.16
C LEU A 269 -16.63 -4.08 27.90
N LYS A 270 -16.81 -5.00 26.94
CA LYS A 270 -18.17 -5.49 26.68
C LYS A 270 -18.73 -6.25 27.88
N LYS A 271 -17.89 -7.05 28.54
CA LYS A 271 -18.36 -7.78 29.71
C LYS A 271 -18.75 -6.82 30.82
N LEU A 272 -17.97 -5.75 30.99
CA LEU A 272 -18.32 -4.72 31.95
C LEU A 272 -19.68 -4.11 31.63
N GLU A 273 -19.90 -3.72 30.37
CA GLU A 273 -21.18 -3.10 30.02
C GLU A 273 -22.33 -4.10 30.11
N GLN A 274 -22.03 -5.40 29.98
CA GLN A 274 -23.10 -6.38 29.89
C GLN A 274 -23.53 -6.86 31.26
N TYR A 275 -22.61 -6.87 32.23
CA TYR A 275 -22.99 -7.40 33.55
C TYR A 275 -22.99 -6.34 34.64
N CYS A 276 -22.15 -5.31 34.53
CA CYS A 276 -22.03 -4.31 35.59
C CYS A 276 -22.07 -2.90 34.99
N SER A 277 -23.04 -2.65 34.12
CA SER A 277 -23.14 -1.35 33.47
C SER A 277 -23.60 -0.26 34.43
N ASN A 278 -24.44 -0.63 35.41
CA ASN A 278 -25.13 0.38 36.22
C ASN A 278 -24.15 1.21 37.05
N LEU A 279 -23.17 0.56 37.68
CA LEU A 279 -22.32 1.26 38.64
C LEU A 279 -21.48 2.34 37.97
N ILE A 280 -20.92 2.04 36.80
CA ILE A 280 -20.07 2.99 36.10
C ILE A 280 -20.93 4.07 35.46
N SER A 281 -20.31 5.20 35.13
CA SER A 281 -20.98 6.29 34.43
C SER A 281 -19.96 7.14 33.69
N ASP A 282 -20.27 7.46 32.43
CA ASP A 282 -19.46 8.37 31.62
C ASP A 282 -18.05 7.84 31.42
N CYS A 283 -17.93 6.69 30.76
CA CYS A 283 -16.61 6.21 30.35
C CYS A 283 -16.21 6.88 29.05
N SER A 284 -14.95 7.30 28.96
CA SER A 284 -14.52 8.13 27.84
C SER A 284 -13.16 7.69 27.34
N ILE A 285 -12.99 7.71 26.02
CA ILE A 285 -11.68 7.47 25.42
C ILE A 285 -10.88 8.78 25.43
N PHE A 286 -9.57 8.66 25.24
CA PHE A 286 -8.69 9.82 25.24
C PHE A 286 -7.50 9.50 24.34
N THR A 287 -7.52 10.02 23.12
CA THR A 287 -6.47 9.77 22.14
C THR A 287 -5.97 11.10 21.58
N ASP A 288 -4.68 11.11 21.23
CA ASP A 288 -4.10 12.29 20.60
C ASP A 288 -4.70 12.50 19.21
N ALA A 289 -4.70 13.75 18.77
CA ALA A 289 -5.45 14.16 17.58
C ALA A 289 -4.60 14.01 16.30
N ASP A 290 -4.08 12.81 16.10
CA ASP A 290 -3.56 12.44 14.79
C ASP A 290 -4.60 11.55 14.14
N PRO A 291 -4.49 11.27 12.83
CA PRO A 291 -5.44 10.30 12.23
C PRO A 291 -5.38 8.94 12.91
N TYR A 292 -4.20 8.54 13.39
CA TYR A 292 -4.09 7.28 14.11
C TYR A 292 -4.88 7.29 15.40
N GLY A 293 -4.88 8.41 16.13
CA GLY A 293 -5.64 8.46 17.38
C GLY A 293 -7.13 8.32 17.17
N ILE A 294 -7.68 9.05 16.20
CA ILE A 294 -9.11 8.94 15.93
C ILE A 294 -9.44 7.56 15.34
N SER A 295 -8.52 6.97 14.58
CA SER A 295 -8.72 5.61 14.10
C SER A 295 -8.77 4.62 15.25
N ILE A 296 -7.91 4.80 16.24
CA ILE A 296 -7.91 3.95 17.43
C ILE A 296 -9.23 4.10 18.18
N ALA A 297 -9.69 5.33 18.36
CA ALA A 297 -10.96 5.55 19.03
C ALA A 297 -12.11 4.92 18.27
N LEU A 298 -12.07 5.02 16.94
CA LEU A 298 -13.10 4.39 16.12
C LEU A 298 -13.10 2.87 16.26
N ASN A 299 -11.91 2.26 16.21
CA ASN A 299 -11.82 0.82 16.37
C ASN A 299 -12.28 0.39 17.75
N TYR A 300 -12.08 1.25 18.75
CA TYR A 300 -12.70 1.01 20.05
C TYR A 300 -14.22 1.03 19.95
N THR A 301 -14.78 2.08 19.33
CA THR A 301 -16.20 2.36 19.48
C THR A 301 -17.05 1.67 18.43
N HIS A 302 -16.65 1.74 17.15
CA HIS A 302 -17.51 1.26 16.08
C HIS A 302 -16.69 0.41 15.11
N SER A 303 -17.14 -0.81 14.87
CA SER A 303 -16.50 -1.70 13.90
C SER A 303 -17.40 -1.89 12.68
N ASN A 304 -16.82 -2.45 11.63
CA ASN A 304 -17.51 -2.63 10.36
C ASN A 304 -18.42 -3.86 10.37
N GLU A 305 -18.84 -4.29 9.18
CA GLU A 305 -19.86 -5.32 8.95
C GLU A 305 -19.82 -6.45 9.96
N ARG A 306 -18.66 -7.09 10.15
CA ARG A 306 -18.55 -8.17 11.11
C ARG A 306 -18.29 -7.60 12.50
N ASN A 307 -19.24 -7.79 13.41
CA ASN A 307 -19.14 -7.27 14.76
C ASN A 307 -19.71 -8.28 15.75
N ALA A 308 -18.91 -8.57 16.77
CA ALA A 308 -19.40 -9.34 17.92
C ALA A 308 -19.41 -8.44 19.15
N TYR A 309 -18.30 -7.77 19.41
CA TYR A 309 -18.19 -6.85 20.54
C TYR A 309 -17.65 -5.50 20.10
N ILE A 310 -18.42 -4.44 20.41
CA ILE A 310 -18.21 -3.10 19.86
C ILE A 310 -18.14 -2.02 20.92
N CYS A 311 -18.72 -2.24 22.10
CA CYS A 311 -18.76 -1.27 23.20
C CYS A 311 -19.21 0.12 22.73
N THR A 312 -20.48 0.17 22.31
CA THR A 312 -21.12 1.45 22.01
C THR A 312 -21.28 2.31 23.25
N MET A 313 -21.01 1.76 24.43
CA MET A 313 -21.06 2.53 25.66
C MET A 313 -20.19 3.78 25.56
N ALA A 314 -18.99 3.64 25.02
CA ALA A 314 -17.94 4.63 25.23
C ALA A 314 -18.27 5.95 24.54
N ASN A 315 -17.86 7.04 25.19
CA ASN A 315 -18.01 8.38 24.67
C ASN A 315 -16.64 8.92 24.26
N TYR A 316 -16.63 9.77 23.23
CA TYR A 316 -15.40 10.32 22.69
C TYR A 316 -15.29 11.76 23.18
N LYS A 317 -14.34 12.00 24.09
CA LYS A 317 -14.02 13.35 24.52
C LYS A 317 -12.53 13.61 24.37
N GLY A 318 -11.94 13.13 23.29
CA GLY A 318 -10.51 13.20 23.12
C GLY A 318 -10.03 14.62 22.90
N ILE A 319 -8.71 14.79 23.05
CA ILE A 319 -8.06 16.08 22.87
C ILE A 319 -7.95 16.37 21.38
N ARG A 320 -8.79 17.26 20.89
CA ARG A 320 -8.95 17.53 19.47
C ARG A 320 -8.11 18.72 19.04
N ILE A 321 -8.26 19.09 17.77
CA ILE A 321 -7.57 20.26 17.22
C ILE A 321 -8.08 21.51 17.91
N THR A 322 -9.40 21.63 18.07
CA THR A 322 -9.94 22.77 18.80
C THR A 322 -10.00 22.46 20.29
N GLN A 323 -8.92 21.91 20.81
CA GLN A 323 -8.69 21.85 22.26
C GLN A 323 -7.23 22.06 22.59
N VAL A 324 -6.37 22.29 21.60
CA VAL A 324 -4.95 22.55 21.79
C VAL A 324 -4.57 23.94 21.31
N LEU A 325 -5.13 24.37 20.18
CA LEU A 325 -4.97 25.74 19.69
C LEU A 325 -5.67 26.76 20.57
N ALA A 326 -6.82 26.42 21.16
CA ALA A 326 -7.57 27.32 22.02
C ALA A 326 -7.04 27.33 23.45
N GLN A 327 -5.83 26.81 23.66
CA GLN A 327 -5.24 26.76 24.99
C GLN A 327 -3.77 27.15 24.85
N ASN A 328 -3.34 27.45 23.63
CA ASN A 328 -1.94 27.69 23.32
C ASN A 328 -1.52 29.13 23.59
N ASN A 329 -2.27 29.83 24.44
CA ASN A 329 -1.92 31.17 24.88
C ASN A 329 -1.52 31.26 26.34
N GLU A 330 -1.87 30.27 27.16
CA GLU A 330 -1.45 30.25 28.56
C GLU A 330 -1.28 28.81 29.04
N SER A 335 2.13 24.63 26.79
CA SER A 335 2.31 24.81 25.36
C SER A 335 2.59 23.47 24.68
N ILE A 336 2.10 23.32 23.44
CA ILE A 336 2.26 22.06 22.73
C ILE A 336 3.17 22.25 21.54
N GLN A 337 3.98 21.23 21.25
CA GLN A 337 4.98 21.30 20.18
C GLN A 337 4.31 21.49 18.82
N LEU A 338 3.20 20.79 18.57
CA LEU A 338 2.51 20.77 17.28
C LEU A 338 3.36 20.12 16.21
N LEU A 339 2.77 19.79 15.07
CA LEU A 339 3.49 19.12 14.00
C LEU A 339 2.79 19.41 12.68
N SER A 340 3.38 18.90 11.60
CA SER A 340 2.85 19.07 10.26
C SER A 340 2.46 17.73 9.67
N LEU A 341 1.46 17.74 8.80
CA LEU A 341 0.94 16.51 8.22
C LEU A 341 1.97 15.81 7.36
N ASN A 342 2.01 14.49 7.47
CA ASN A 342 2.81 13.66 6.59
C ASN A 342 1.93 13.16 5.45
N GLN A 343 2.57 12.73 4.36
CA GLN A 343 1.82 12.25 3.20
C GLN A 343 0.96 11.04 3.55
N ARG A 344 1.50 10.13 4.36
CA ARG A 344 0.74 8.94 4.75
C ARG A 344 -0.40 9.29 5.69
N ASP A 345 -0.16 10.24 6.62
CA ASP A 345 -1.20 10.62 7.57
C ASP A 345 -2.41 11.23 6.86
N TYR A 346 -2.17 12.11 5.89
CA TYR A 346 -3.27 12.71 5.15
C TYR A 346 -4.05 11.64 4.37
N SER A 347 -3.34 10.69 3.75
CA SER A 347 -4.01 9.64 3.02
C SER A 347 -4.89 8.81 3.94
N LEU A 348 -4.38 8.46 5.13
CA LEU A 348 -5.18 7.69 6.08
C LEU A 348 -6.41 8.48 6.52
N ALA A 349 -6.24 9.77 6.80
CA ALA A 349 -7.37 10.56 7.28
C ALA A 349 -8.41 10.78 6.19
N LYS A 350 -7.97 10.89 4.93
CA LYS A 350 -8.91 11.02 3.83
C LYS A 350 -9.65 9.71 3.57
N ASN A 351 -8.95 8.58 3.67
CA ASN A 351 -9.60 7.30 3.54
C ASN A 351 -10.63 7.08 4.64
N LEU A 352 -10.33 7.58 5.83
CA LEU A 352 -11.21 7.49 6.98
C LEU A 352 -12.40 8.44 6.84
N ILE A 353 -12.48 9.18 5.74
CA ILE A 353 -13.60 10.09 5.51
C ILE A 353 -14.46 9.51 4.43
N ALA A 354 -13.88 8.74 3.55
CA ALA A 354 -14.65 8.13 2.51
C ALA A 354 -15.56 7.14 3.19
N SER A 355 -15.00 6.28 4.04
CA SER A 355 -15.76 5.23 4.74
C SER A 355 -16.83 5.68 5.73
N LEU A 356 -16.40 6.30 6.82
CA LEU A 356 -17.26 6.82 7.89
C LEU A 356 -18.60 7.37 7.44
N THR A 357 -18.64 7.91 6.23
CA THR A 357 -19.86 8.43 5.60
C THR A 357 -19.84 8.03 4.14
N ALA A 358 -20.37 6.83 3.85
CA ALA A 358 -20.63 6.41 2.48
C ALA A 358 -22.10 6.05 2.35
N ASN A 359 -22.64 5.37 3.37
CA ASN A 359 -24.04 4.98 3.34
C ASN A 359 -24.89 5.90 4.22
N SER A 360 -24.30 6.44 5.29
CA SER A 360 -25.02 7.36 6.15
C SER A 360 -25.45 8.60 5.37
N TRP A 361 -26.72 8.97 5.51
CA TRP A 361 -27.29 9.99 4.63
C TRP A 361 -26.78 11.39 4.97
N ASP A 362 -26.79 11.76 6.25
CA ASP A 362 -26.57 13.15 6.64
C ASP A 362 -25.46 13.24 7.69
N ILE A 363 -24.58 14.23 7.52
CA ILE A 363 -23.53 14.49 8.49
C ILE A 363 -24.09 15.10 9.77
N ALA A 364 -25.12 15.96 9.65
CA ALA A 364 -25.59 16.73 10.78
C ALA A 364 -26.10 15.83 11.91
N THR A 365 -26.87 14.79 11.57
CA THR A 365 -27.36 13.84 12.56
C THR A 365 -26.83 12.45 12.21
N SER A 366 -25.90 11.97 13.04
CA SER A 366 -25.28 10.66 12.83
C SER A 366 -24.45 10.35 14.06
N PRO A 367 -24.32 9.06 14.42
CA PRO A 367 -23.45 8.70 15.56
C PRO A 367 -21.99 8.99 15.33
N LEU A 368 -21.55 9.16 14.09
CA LEU A 368 -20.15 9.45 13.77
C LEU A 368 -19.95 10.90 13.32
N LYS A 369 -20.81 11.80 13.79
CA LYS A 369 -20.69 13.20 13.42
C LYS A 369 -19.40 13.82 13.94
N ASN A 370 -19.11 13.59 15.22
CA ASN A 370 -17.96 14.23 15.85
C ASN A 370 -16.64 13.79 15.21
N VAL A 371 -16.48 12.50 14.96
CA VAL A 371 -15.24 12.00 14.37
C VAL A 371 -15.06 12.57 12.97
N VAL A 372 -16.14 12.57 12.18
CA VAL A 372 -16.06 13.06 10.81
C VAL A 372 -15.70 14.53 10.79
N ILE A 373 -16.37 15.35 11.62
CA ILE A 373 -16.07 16.78 11.60
C ILE A 373 -14.67 17.04 12.12
N GLU A 374 -14.22 16.29 13.13
CA GLU A 374 -12.87 16.48 13.65
C GLU A 374 -11.83 16.16 12.58
N CYS A 375 -12.01 15.06 11.85
CA CYS A 375 -11.06 14.73 10.79
C CYS A 375 -11.12 15.76 9.68
N GLN A 376 -12.31 16.31 9.43
CA GLN A 376 -12.43 17.38 8.44
C GLN A 376 -11.62 18.60 8.85
N ARG A 377 -11.71 19.00 10.12
CA ARG A 377 -10.90 20.12 10.60
C ARG A 377 -9.42 19.81 10.51
N GLU A 378 -9.02 18.59 10.87
CA GLU A 378 -7.60 18.26 10.91
C GLU A 378 -7.00 18.19 9.52
N ILE A 379 -7.80 17.78 8.52
CA ILE A 379 -7.30 17.75 7.15
C ILE A 379 -7.00 19.16 6.64
N PHE A 380 -7.88 20.13 6.94
CA PHE A 380 -7.74 21.48 6.40
C PHE A 380 -6.86 22.37 7.25
N PHE A 381 -6.69 22.07 8.54
CA PHE A 381 -5.80 22.85 9.38
C PHE A 381 -4.34 22.51 9.11
N GLN A 382 -4.10 21.33 8.53
CA GLN A 382 -2.80 20.83 8.07
C GLN A 382 -1.83 20.53 9.20
N LYS A 383 -2.25 20.55 10.47
CA LYS A 383 -1.34 20.31 11.59
C LYS A 383 -1.94 19.28 12.54
N LYS A 384 -1.16 18.27 12.88
CA LYS A 384 -1.54 17.33 13.92
C LYS A 384 -1.27 17.93 15.30
N ALA A 385 -1.76 17.23 16.34
CA ALA A 385 -1.53 17.63 17.72
C ALA A 385 -1.34 16.37 18.56
N GLU A 386 -0.08 15.97 18.73
CA GLU A 386 0.22 14.81 19.57
C GLU A 386 0.03 15.16 21.05
N MET A 387 -0.37 14.16 21.83
CA MET A 387 -0.61 14.35 23.26
C MET A 387 0.43 13.57 24.06
N ASN A 388 1.39 14.33 24.59
CA ASN A 388 2.35 13.78 25.54
C ASN A 388 2.59 14.76 26.67
N GLU A 389 2.31 16.04 26.44
CA GLU A 389 2.63 17.10 27.39
C GLU A 389 1.43 17.92 27.83
N ILE A 390 0.28 17.81 27.15
CA ILE A 390 -0.91 18.55 27.52
C ILE A 390 -1.64 17.93 28.70
N ASP A 391 -1.10 16.84 29.24
CA ASP A 391 -1.77 16.07 30.29
C ASP A 391 -2.07 16.93 31.51
N ALA A 392 -3.38 17.17 31.75
CA ALA A 392 -3.82 18.07 32.81
C ALA A 392 -5.17 17.54 33.29
N GLY A 393 -5.96 18.36 33.97
CA GLY A 393 -7.24 17.94 34.49
C GLY A 393 -8.33 17.71 33.46
N ILE A 394 -7.97 17.54 32.19
CA ILE A 394 -8.95 17.19 31.16
C ILE A 394 -9.55 15.82 31.45
N PHE A 395 -8.73 14.90 31.95
CA PHE A 395 -9.19 13.53 32.19
C PHE A 395 -10.29 13.50 33.24
N LYS A 396 -10.15 14.30 34.29
CA LYS A 396 -11.22 14.42 35.27
C LYS A 396 -12.46 15.04 34.62
N TYR A 397 -13.63 14.45 34.91
CA TYR A 397 -14.85 14.87 34.24
C TYR A 397 -15.19 16.33 34.54
N LYS A 398 -15.24 16.69 35.83
CA LYS A 398 -15.59 18.05 36.22
C LYS A 398 -15.11 18.35 37.64
N ALA B 2 31.70 -47.33 -13.60
CA ALA B 2 31.88 -46.26 -14.58
C ALA B 2 30.99 -46.50 -15.79
N ARG B 3 29.68 -46.38 -15.60
CA ARG B 3 28.73 -46.57 -16.68
C ARG B 3 28.89 -45.47 -17.73
N ASP B 4 28.75 -45.86 -19.00
CA ASP B 4 28.96 -44.99 -20.14
C ASP B 4 27.75 -45.06 -21.04
N ILE B 5 27.18 -43.92 -21.39
CA ILE B 5 26.05 -43.86 -22.32
C ILE B 5 26.42 -42.95 -23.48
N THR B 6 26.20 -43.44 -24.69
CA THR B 6 26.45 -42.65 -25.90
C THR B 6 25.11 -42.38 -26.59
N PHE B 7 24.88 -41.11 -26.93
CA PHE B 7 23.68 -40.75 -27.66
C PHE B 7 23.87 -41.05 -29.14
N LEU B 8 22.75 -41.34 -29.82
CA LEU B 8 22.81 -41.56 -31.26
C LEU B 8 23.34 -40.32 -31.97
N THR B 9 24.20 -40.54 -32.94
CA THR B 9 24.87 -39.43 -33.61
C THR B 9 23.87 -38.58 -34.37
N VAL B 10 23.56 -37.40 -33.83
CA VAL B 10 22.68 -36.44 -34.46
C VAL B 10 23.49 -35.20 -34.77
N PHE B 11 23.68 -34.92 -36.06
CA PHE B 11 24.41 -33.74 -36.52
C PHE B 11 23.53 -32.98 -37.50
N LEU B 12 23.37 -31.69 -37.25
CA LEU B 12 22.58 -30.81 -38.10
C LEU B 12 23.49 -29.67 -38.54
N GLU B 13 23.63 -29.48 -39.84
CA GLU B 13 24.62 -28.55 -40.37
C GLU B 13 24.04 -27.77 -41.53
N SER B 14 24.71 -26.69 -41.89
CA SER B 14 24.29 -25.84 -42.99
C SER B 14 25.49 -25.18 -43.66
N THR B 33 28.05 -38.42 -25.03
CA THR B 33 28.53 -39.53 -24.21
C THR B 33 28.64 -39.12 -22.73
N VAL B 34 27.55 -39.35 -22.00
CA VAL B 34 27.47 -39.05 -20.58
C VAL B 34 28.11 -40.20 -19.81
N ARG B 35 29.01 -39.85 -18.90
CA ARG B 35 29.72 -40.81 -18.06
C ARG B 35 29.25 -40.64 -16.63
N ILE B 36 28.75 -41.73 -16.03
CA ILE B 36 28.32 -41.72 -14.65
C ILE B 36 29.18 -42.70 -13.86
N GLU B 37 29.86 -42.21 -12.83
CA GLU B 37 30.77 -43.04 -12.04
C GLU B 37 30.06 -43.60 -10.82
N GLY B 38 29.07 -44.44 -11.09
CA GLY B 38 28.31 -45.08 -10.05
C GLY B 38 28.17 -46.58 -10.27
N PRO B 39 27.71 -47.29 -9.24
CA PRO B 39 27.56 -48.74 -9.37
C PRO B 39 26.41 -49.11 -10.30
N GLU B 40 26.28 -50.41 -10.56
CA GLU B 40 25.24 -50.93 -11.42
C GLU B 40 23.94 -51.14 -10.66
N PRO B 41 22.80 -50.79 -11.27
CA PRO B 41 21.48 -51.03 -10.66
C PRO B 41 20.93 -52.41 -10.99
N ASN B 45 14.89 -46.72 -11.06
CA ASN B 45 14.50 -45.70 -10.09
C ASN B 45 15.69 -45.20 -9.27
N SER B 46 16.34 -44.15 -9.77
CA SER B 46 17.49 -43.58 -9.08
C SER B 46 17.75 -42.14 -9.56
N LEU B 47 18.06 -41.27 -8.61
CA LEU B 47 18.34 -39.87 -8.93
C LEU B 47 19.84 -39.63 -9.10
N TYR B 48 20.20 -38.81 -10.08
CA TYR B 48 21.59 -38.51 -10.35
C TYR B 48 21.95 -37.09 -9.90
N ILE B 49 23.21 -36.92 -9.49
CA ILE B 49 23.69 -35.62 -9.04
C ILE B 49 25.09 -35.40 -9.62
N PRO B 50 25.56 -34.16 -9.74
CA PRO B 50 26.89 -33.94 -10.33
C PRO B 50 28.02 -34.19 -9.34
N LEU B 51 29.24 -33.89 -9.77
CA LEU B 51 30.42 -34.16 -8.96
C LEU B 51 30.38 -33.33 -7.67
N LEU B 52 31.10 -33.81 -6.65
CA LEU B 52 31.18 -33.16 -5.34
C LEU B 52 29.82 -33.10 -4.66
N LEU B 57 31.94 -32.22 -12.54
CA LEU B 57 31.26 -32.29 -13.82
C LEU B 57 31.99 -31.36 -14.79
N LYS B 58 32.18 -31.83 -16.02
CA LYS B 58 32.95 -31.09 -17.02
C LYS B 58 32.21 -31.11 -18.36
N ILE B 59 32.26 -30.00 -19.08
CA ILE B 59 31.89 -29.95 -20.48
C ILE B 59 33.19 -29.91 -21.27
N LYS B 60 33.50 -30.99 -21.98
CA LYS B 60 34.81 -31.16 -22.59
C LYS B 60 34.66 -31.73 -23.99
N LEU B 61 34.68 -30.85 -24.99
CA LEU B 61 34.46 -31.23 -26.38
C LEU B 61 35.76 -31.13 -27.15
N ASN B 62 36.06 -32.15 -27.95
CA ASN B 62 37.21 -32.10 -28.85
C ASN B 62 36.82 -31.51 -30.20
N PHE B 63 37.76 -30.80 -30.82
CA PHE B 63 37.52 -30.15 -32.09
C PHE B 63 38.48 -30.69 -33.14
N LYS B 64 37.96 -30.96 -34.34
CA LYS B 64 38.76 -31.48 -35.44
C LYS B 64 38.05 -31.13 -36.74
N MET B 65 38.81 -31.15 -37.84
CA MET B 65 38.26 -30.92 -39.17
C MET B 65 38.72 -32.09 -40.06
N ASN B 66 37.87 -33.11 -40.14
CA ASN B 66 38.19 -34.32 -40.89
C ASN B 66 38.34 -34.03 -42.38
N GLU B 72 40.41 -28.26 -34.20
CA GLU B 72 41.87 -28.20 -34.25
C GLU B 72 42.38 -27.25 -33.17
N GLU B 73 43.55 -27.59 -32.60
CA GLU B 73 44.09 -26.80 -31.50
C GLU B 73 44.72 -25.51 -32.00
N GLN B 74 45.26 -25.53 -33.22
CA GLN B 74 45.96 -24.36 -33.75
C GLN B 74 44.96 -23.26 -34.10
N GLU B 75 45.28 -22.03 -33.67
CA GLU B 75 44.52 -20.83 -34.00
C GLU B 75 43.04 -20.96 -33.68
N LEU B 76 42.36 -21.84 -34.43
CA LEU B 76 40.94 -22.11 -34.26
C LEU B 76 40.56 -22.17 -32.80
N PHE B 77 41.17 -23.14 -32.12
CA PHE B 77 40.78 -23.49 -30.77
C PHE B 77 40.84 -22.25 -29.88
N THR B 78 41.85 -21.40 -30.12
CA THR B 78 42.08 -20.24 -29.26
C THR B 78 40.87 -19.32 -29.20
N LYS B 79 40.16 -19.13 -30.31
CA LYS B 79 38.97 -18.31 -30.12
C LYS B 79 37.76 -19.15 -29.72
N LEU B 80 37.73 -20.41 -30.15
CA LEU B 80 36.62 -21.27 -29.76
C LEU B 80 36.55 -21.41 -28.25
N ARG B 81 37.72 -21.54 -27.61
CA ARG B 81 37.79 -21.51 -26.14
C ARG B 81 36.99 -20.33 -25.60
N GLU B 82 37.25 -19.12 -26.11
CA GLU B 82 36.52 -17.96 -25.63
C GLU B 82 35.03 -18.08 -25.93
N ILE B 83 34.68 -18.58 -27.12
CA ILE B 83 33.28 -18.82 -27.42
C ILE B 83 32.70 -19.82 -26.43
N VAL B 84 33.50 -20.82 -26.06
CA VAL B 84 33.08 -21.75 -25.01
C VAL B 84 32.83 -20.97 -23.71
N GLY B 85 33.74 -20.07 -23.36
CA GLY B 85 33.54 -19.24 -22.19
C GLY B 85 32.29 -18.38 -22.30
N SER B 86 31.84 -18.10 -23.51
CA SER B 86 30.62 -17.32 -23.70
C SER B 86 29.42 -18.03 -23.10
N SER B 87 29.47 -19.35 -22.96
CA SER B 87 28.38 -20.08 -22.34
C SER B 87 28.32 -19.90 -20.83
N ILE B 88 29.33 -19.25 -20.24
CA ILE B 88 29.47 -19.26 -18.79
C ILE B 88 28.22 -18.67 -18.12
N ARG B 89 27.64 -17.62 -18.72
CA ARG B 89 26.42 -17.04 -18.18
C ARG B 89 25.34 -18.10 -18.03
N PHE B 90 25.05 -18.83 -19.11
CA PHE B 90 24.07 -19.91 -19.04
C PHE B 90 24.46 -20.92 -17.98
N TRP B 91 25.76 -21.17 -17.84
CA TRP B 91 26.21 -22.16 -16.86
C TRP B 91 26.07 -21.61 -15.44
N GLU B 92 26.24 -20.31 -15.27
CA GLU B 92 26.33 -19.75 -13.92
C GLU B 92 25.09 -18.96 -13.52
N GLU B 93 24.58 -18.09 -14.39
CA GLU B 93 23.40 -17.31 -14.04
C GLU B 93 22.13 -18.16 -14.12
N GLN B 94 22.09 -19.10 -15.07
CA GLN B 94 20.86 -19.85 -15.31
C GLN B 94 20.81 -21.14 -14.51
N LEU B 95 21.86 -21.97 -14.63
CA LEU B 95 21.85 -23.31 -14.04
C LEU B 95 22.44 -23.35 -12.64
N PHE B 96 22.83 -22.19 -12.09
CA PHE B 96 23.34 -22.10 -10.72
C PHE B 96 24.56 -22.99 -10.51
N TYR B 97 25.51 -22.91 -11.44
CA TYR B 97 26.75 -23.66 -11.34
C TYR B 97 27.90 -22.70 -11.01
N GLN B 98 29.12 -23.23 -10.94
CA GLN B 98 30.28 -22.41 -10.65
C GLN B 98 31.52 -22.92 -11.39
N VAL B 99 32.13 -22.07 -12.21
CA VAL B 99 33.30 -22.50 -12.97
C VAL B 99 34.54 -22.50 -12.09
N GLN B 100 35.55 -23.27 -12.51
CA GLN B 100 36.80 -23.33 -11.77
C GLN B 100 38.00 -23.04 -12.66
N ASP B 101 37.97 -23.51 -13.90
CA ASP B 101 39.11 -23.36 -14.79
C ASP B 101 38.69 -23.63 -16.23
N VAL B 102 39.31 -22.92 -17.15
CA VAL B 102 39.24 -23.23 -18.58
C VAL B 102 40.66 -23.20 -19.15
N SER B 103 41.31 -24.37 -19.17
CA SER B 103 42.68 -24.51 -19.62
C SER B 103 42.76 -25.66 -20.62
N THR B 104 43.33 -25.39 -21.78
CA THR B 104 43.37 -26.38 -22.86
C THR B 104 44.13 -27.61 -22.41
N ILE B 105 43.54 -28.78 -22.63
CA ILE B 105 44.23 -30.05 -22.42
C ILE B 105 44.51 -30.64 -23.79
N GLU B 106 45.73 -30.41 -24.29
CA GLU B 106 46.10 -30.77 -25.66
C GLU B 106 45.08 -30.23 -26.66
N ASN B 107 44.18 -31.10 -27.11
CA ASN B 107 43.16 -30.75 -28.09
C ASN B 107 41.77 -30.60 -27.48
N HIS B 108 41.67 -30.28 -26.19
CA HIS B 108 40.40 -30.36 -25.48
C HIS B 108 40.14 -29.06 -24.72
N VAL B 109 38.86 -28.75 -24.53
CA VAL B 109 38.44 -27.62 -23.72
C VAL B 109 37.81 -28.15 -22.45
N ILE B 110 38.36 -27.79 -21.30
CA ILE B 110 37.78 -28.11 -20.01
C ILE B 110 36.82 -26.97 -19.64
N LEU B 111 35.59 -27.33 -19.32
CA LEU B 111 34.64 -26.39 -18.73
C LEU B 111 34.32 -26.92 -17.33
N SER B 112 35.19 -26.60 -16.37
CA SER B 112 35.04 -27.11 -15.02
C SER B 112 33.76 -26.58 -14.39
N LEU B 113 33.01 -27.49 -13.77
CA LEU B 113 31.70 -27.16 -13.20
C LEU B 113 31.56 -27.89 -11.87
N LYS B 114 31.43 -27.13 -10.80
CA LYS B 114 31.17 -27.69 -9.47
C LYS B 114 29.77 -27.30 -9.03
N CYS B 115 29.09 -28.21 -8.35
CA CYS B 115 27.71 -27.95 -7.93
C CYS B 115 27.69 -26.93 -6.81
N THR B 116 26.68 -26.06 -6.85
CA THR B 116 26.48 -25.04 -5.83
C THR B 116 25.20 -25.28 -5.03
N ILE B 117 24.13 -25.68 -5.70
CA ILE B 117 22.87 -25.96 -5.00
C ILE B 117 23.02 -27.19 -4.11
N LEU B 118 23.68 -28.24 -4.61
CA LEU B 118 23.89 -29.47 -3.88
C LEU B 118 25.39 -29.60 -3.57
N THR B 119 25.80 -29.01 -2.46
CA THR B 119 27.17 -29.14 -2.00
C THR B 119 27.36 -30.49 -1.31
N ASP B 120 28.62 -30.78 -0.95
CA ASP B 120 28.91 -32.04 -0.28
C ASP B 120 28.14 -32.15 1.04
N ALA B 121 28.05 -31.06 1.78
CA ALA B 121 27.27 -31.07 3.01
C ALA B 121 25.80 -31.33 2.74
N GLN B 122 25.25 -30.73 1.68
CA GLN B 122 23.84 -30.93 1.35
C GLN B 122 23.57 -32.38 0.95
N ILE B 123 24.44 -32.95 0.11
CA ILE B 123 24.26 -34.35 -0.28
C ILE B 123 24.39 -35.27 0.93
N SER B 124 25.33 -34.98 1.81
CA SER B 124 25.48 -35.79 3.02
C SER B 124 24.24 -35.70 3.89
N THR B 125 23.69 -34.50 4.06
CA THR B 125 22.55 -34.31 4.94
C THR B 125 21.29 -34.94 4.37
N PHE B 126 21.07 -34.80 3.07
CA PHE B 126 19.82 -35.24 2.45
C PHE B 126 19.77 -36.73 2.17
N ILE B 127 20.69 -37.25 1.35
CA ILE B 127 20.51 -38.61 0.83
C ILE B 127 21.37 -39.60 1.60
N SER B 128 22.51 -39.16 2.12
CA SER B 128 23.48 -40.07 2.73
C SER B 128 23.25 -40.29 4.22
N LYS B 129 23.10 -39.24 5.01
CA LYS B 129 22.92 -39.41 6.45
C LYS B 129 21.67 -40.20 6.81
N PRO B 130 20.47 -39.95 6.25
CA PRO B 130 19.31 -40.76 6.61
C PRO B 130 19.26 -42.09 5.86
N ARG B 131 20.35 -42.45 5.19
CA ARG B 131 20.38 -43.67 4.39
C ARG B 131 20.82 -44.85 5.26
N GLU B 132 21.25 -44.56 6.49
CA GLU B 132 21.81 -45.58 7.36
C GLU B 132 20.83 -45.96 8.47
N LEU B 133 20.22 -44.95 9.11
CA LEU B 133 19.34 -45.18 10.24
C LEU B 133 18.10 -45.97 9.82
N HIS B 134 17.44 -45.53 8.76
CA HIS B 134 16.18 -46.12 8.31
C HIS B 134 16.40 -47.11 7.17
N THR B 135 17.09 -48.22 7.46
CA THR B 135 17.34 -49.23 6.44
C THR B 135 16.05 -49.98 6.09
N HIS B 136 15.16 -50.15 7.08
CA HIS B 136 13.95 -50.93 6.86
C HIS B 136 13.01 -50.24 5.87
N ALA B 137 13.14 -48.92 5.72
CA ALA B 137 12.28 -48.19 4.81
C ALA B 137 12.65 -48.47 3.36
N LYS B 138 11.63 -48.75 2.55
CA LYS B 138 11.80 -49.01 1.13
C LYS B 138 11.33 -47.81 0.31
N GLY B 139 11.62 -47.87 -0.99
CA GLY B 139 11.34 -46.74 -1.86
C GLY B 139 12.47 -45.75 -1.83
N TYR B 140 13.69 -46.23 -1.70
CA TYR B 140 14.83 -45.35 -1.46
C TYR B 140 15.62 -45.19 -2.74
N PRO B 141 16.22 -44.02 -2.99
CA PRO B 141 17.00 -43.83 -4.22
C PRO B 141 18.48 -44.11 -4.06
N GLU B 142 19.10 -44.70 -5.07
CA GLU B 142 20.53 -44.97 -5.07
C GLU B 142 21.23 -43.86 -5.85
N ILE B 143 22.26 -43.26 -5.24
CA ILE B 143 22.99 -42.18 -5.90
C ILE B 143 23.93 -42.76 -6.95
N TYR B 144 23.88 -42.18 -8.15
CA TYR B 144 24.87 -42.46 -9.20
C TYR B 144 25.46 -41.15 -9.65
N TYR B 145 26.67 -40.84 -9.17
CA TYR B 145 27.31 -39.58 -9.50
C TYR B 145 27.51 -39.42 -11.00
N LEU B 146 27.34 -38.20 -11.48
CA LEU B 146 27.51 -37.86 -12.88
C LEU B 146 28.84 -37.19 -13.09
N SER B 147 29.56 -37.63 -14.13
CA SER B 147 30.85 -37.08 -14.50
C SER B 147 30.74 -36.44 -15.88
N GLU B 148 31.89 -36.04 -16.42
CA GLU B 148 31.90 -35.23 -17.64
C GLU B 148 31.23 -35.96 -18.80
N LEU B 149 30.46 -35.21 -19.58
CA LEU B 149 29.81 -35.71 -20.79
C LEU B 149 30.43 -35.01 -21.98
N SER B 150 30.73 -35.78 -23.03
CA SER B 150 31.42 -35.27 -24.21
C SER B 150 30.76 -35.84 -25.47
N THR B 151 29.73 -35.16 -25.96
CA THR B 151 29.17 -35.50 -27.26
C THR B 151 29.58 -34.45 -28.28
N THR B 152 30.55 -34.80 -29.12
CA THR B 152 31.21 -33.85 -30.00
C THR B 152 30.97 -34.25 -31.45
N VAL B 153 30.62 -33.28 -32.28
CA VAL B 153 30.45 -33.48 -33.71
C VAL B 153 31.25 -32.40 -34.44
N ASN B 154 32.08 -32.82 -35.38
CA ASN B 154 32.89 -31.90 -36.19
C ASN B 154 32.07 -31.50 -37.41
N PHE B 155 31.66 -30.23 -37.46
CA PHE B 155 30.89 -29.75 -38.60
C PHE B 155 31.80 -29.44 -39.78
N PHE B 156 31.23 -29.53 -40.98
CA PHE B 156 31.96 -29.31 -42.22
C PHE B 156 31.43 -28.05 -42.90
N SER B 157 32.35 -27.20 -43.34
CA SER B 157 32.00 -25.97 -44.03
C SER B 157 32.74 -25.92 -45.36
N LYS B 158 32.13 -25.26 -46.36
CA LYS B 158 32.71 -25.18 -47.69
C LYS B 158 34.04 -24.44 -47.70
N GLU B 159 34.25 -23.55 -46.72
CA GLU B 159 35.48 -22.77 -46.69
C GLU B 159 36.70 -23.65 -46.49
N GLY B 160 36.61 -24.63 -45.59
CA GLY B 160 37.71 -25.56 -45.40
C GLY B 160 38.81 -25.04 -44.51
N ASN B 161 39.93 -24.64 -45.11
CA ASN B 161 41.08 -24.15 -44.37
C ASN B 161 40.73 -22.97 -43.47
N TYR B 162 40.24 -21.88 -44.06
CA TYR B 162 39.84 -20.73 -43.27
C TYR B 162 38.45 -20.96 -42.69
N VAL B 163 38.10 -20.14 -41.69
CA VAL B 163 36.88 -20.32 -40.92
C VAL B 163 36.08 -19.02 -40.97
N GLU B 164 34.78 -19.15 -41.20
CA GLU B 164 33.85 -18.03 -41.21
C GLU B 164 32.97 -18.09 -39.96
N ILE B 165 32.79 -16.94 -39.31
CA ILE B 165 32.15 -16.87 -38.00
C ILE B 165 30.86 -16.07 -38.12
N SER B 166 30.18 -15.87 -36.98
CA SER B 166 28.94 -15.12 -36.80
C SER B 166 27.72 -15.88 -37.29
N HIS B 167 27.93 -17.07 -37.86
CA HIS B 167 26.83 -18.02 -38.04
C HIS B 167 27.13 -19.33 -37.34
N VAL B 168 28.41 -19.63 -37.14
CA VAL B 168 28.78 -20.78 -36.30
C VAL B 168 28.32 -20.54 -34.87
N ILE B 169 28.02 -19.29 -34.51
CA ILE B 169 27.45 -19.03 -33.19
C ILE B 169 26.05 -19.63 -33.04
N PRO B 170 25.07 -19.31 -33.89
CA PRO B 170 23.81 -20.07 -33.82
C PRO B 170 23.99 -21.55 -34.11
N HIS B 171 24.95 -21.89 -34.97
CA HIS B 171 25.20 -23.30 -35.26
C HIS B 171 25.59 -24.07 -34.01
N PHE B 172 26.44 -23.47 -33.17
CA PHE B 172 26.86 -24.10 -31.93
C PHE B 172 25.74 -24.07 -30.89
N ASN B 173 24.99 -22.96 -30.83
CA ASN B 173 23.91 -22.87 -29.85
C ASN B 173 22.81 -23.90 -30.11
N GLU B 174 22.52 -24.19 -31.39
CA GLU B 174 21.38 -25.03 -31.71
C GLU B 174 21.52 -26.42 -31.12
N TYR B 175 22.71 -27.03 -31.25
CA TYR B 175 22.90 -28.40 -30.78
C TYR B 175 22.69 -28.50 -29.27
N PHE B 176 23.35 -27.64 -28.50
CA PHE B 176 23.22 -27.69 -27.05
C PHE B 176 21.81 -27.34 -26.60
N SER B 177 21.18 -26.35 -27.24
CA SER B 177 19.82 -25.99 -26.86
C SER B 177 18.86 -27.14 -27.10
N SER B 178 19.01 -27.85 -28.23
CA SER B 178 18.17 -29.01 -28.50
C SER B 178 18.46 -30.14 -27.52
N LEU B 179 19.73 -30.37 -27.21
CA LEU B 179 20.09 -31.48 -26.34
C LEU B 179 19.57 -31.28 -24.92
N ILE B 180 19.64 -30.05 -24.41
CA ILE B 180 19.20 -29.81 -23.04
C ILE B 180 17.69 -29.91 -22.91
N VAL B 181 16.95 -29.38 -23.89
CA VAL B 181 15.50 -29.26 -23.74
C VAL B 181 14.83 -30.62 -23.87
N SER B 182 15.33 -31.48 -24.76
CA SER B 182 14.54 -32.60 -25.26
C SER B 182 14.87 -33.87 -24.49
N GLN B 183 16.13 -34.33 -24.50
CA GLN B 183 16.39 -35.69 -24.04
C GLN B 183 16.98 -35.70 -22.64
N LEU B 184 18.14 -35.05 -22.53
CA LEU B 184 18.96 -34.96 -21.35
C LEU B 184 18.38 -34.12 -20.26
N GLU B 185 17.10 -34.29 -20.00
CA GLU B 185 16.48 -33.51 -18.96
C GLU B 185 15.25 -34.21 -18.43
N PHE B 186 14.87 -35.31 -19.05
CA PHE B 186 13.71 -36.06 -18.60
C PHE B 186 14.15 -37.23 -17.73
N GLU B 187 15.45 -37.48 -17.69
CA GLU B 187 16.00 -38.58 -16.90
C GLU B 187 17.24 -38.19 -16.14
N TYR B 188 17.51 -36.88 -16.00
CA TYR B 188 18.68 -36.39 -15.28
C TYR B 188 18.45 -35.03 -14.68
N PRO B 189 17.20 -34.67 -14.50
CA PRO B 189 16.60 -33.44 -14.02
C PRO B 189 17.50 -32.75 -13.06
N MET B 190 18.06 -33.48 -12.14
CA MET B 190 18.89 -32.86 -11.13
C MET B 190 20.24 -32.44 -11.60
N VAL B 191 20.71 -32.94 -12.73
CA VAL B 191 22.05 -32.56 -13.14
C VAL B 191 22.20 -31.63 -14.33
N PHE B 192 21.10 -31.34 -15.02
CA PHE B 192 21.17 -30.47 -16.18
C PHE B 192 19.92 -29.66 -16.49
N SER B 193 18.87 -29.87 -15.72
CA SER B 193 17.61 -29.17 -15.93
C SER B 193 17.70 -27.74 -15.50
N MET B 194 16.79 -26.91 -16.00
CA MET B 194 16.80 -25.51 -15.66
C MET B 194 15.78 -25.23 -14.58
N ILE B 195 14.55 -25.60 -14.80
CA ILE B 195 13.56 -25.30 -13.79
C ILE B 195 13.31 -26.35 -12.75
N SER B 196 14.33 -27.16 -12.43
CA SER B 196 14.16 -28.14 -11.37
C SER B 196 15.07 -27.67 -10.27
N ARG B 197 16.31 -27.45 -10.65
CA ARG B 197 17.32 -26.99 -9.70
C ARG B 197 16.87 -25.70 -9.01
N LEU B 198 16.32 -24.75 -9.77
CA LEU B 198 15.82 -23.53 -9.18
C LEU B 198 14.66 -23.82 -8.23
N ARG B 199 13.78 -24.74 -8.62
CA ARG B 199 12.66 -25.10 -7.76
C ARG B 199 13.14 -25.70 -6.45
N LEU B 200 14.13 -26.60 -6.52
CA LEU B 200 14.68 -27.18 -5.30
C LEU B 200 15.33 -26.12 -4.44
N LYS B 201 16.14 -25.25 -5.03
CA LYS B 201 16.76 -24.17 -4.25
C LYS B 201 15.70 -23.29 -3.59
N TRP B 202 14.55 -23.12 -4.25
CA TRP B 202 13.44 -22.42 -3.61
C TRP B 202 12.86 -23.23 -2.46
N GLN B 203 12.87 -24.56 -2.57
CA GLN B 203 12.20 -25.42 -1.60
C GLN B 203 13.14 -26.33 -0.82
N GLN B 204 14.46 -26.16 -0.94
CA GLN B 204 15.38 -27.00 -0.18
C GLN B 204 15.45 -26.55 1.27
N SER B 205 15.33 -25.24 1.52
CA SER B 205 15.41 -24.72 2.88
C SER B 205 14.28 -25.25 3.75
N SER B 206 13.07 -25.33 3.20
CA SER B 206 11.89 -25.77 3.95
C SER B 206 11.60 -27.25 3.76
N LEU B 207 12.53 -27.99 3.16
CA LEU B 207 12.33 -29.41 2.92
C LEU B 207 12.42 -30.25 4.19
N ALA B 208 13.14 -29.77 5.20
CA ALA B 208 13.37 -30.53 6.42
C ALA B 208 12.17 -30.52 7.38
N PRO B 209 11.58 -29.34 7.69
CA PRO B 209 10.43 -29.34 8.62
C PRO B 209 9.24 -30.15 8.12
N ILE B 210 9.02 -30.21 6.80
CA ILE B 210 7.88 -30.97 6.28
C ILE B 210 8.00 -32.44 6.64
N SER B 211 9.20 -33.01 6.45
CA SER B 211 9.43 -34.39 6.89
C SER B 211 9.45 -34.51 8.40
N TYR B 212 9.97 -33.50 9.11
CA TYR B 212 10.05 -33.53 10.56
C TYR B 212 8.69 -33.40 11.23
N ALA B 213 7.65 -33.01 10.48
CA ALA B 213 6.31 -32.84 11.05
C ALA B 213 5.31 -33.81 10.44
N LEU B 214 5.76 -34.80 9.66
CA LEU B 214 4.87 -35.78 9.05
C LEU B 214 5.11 -37.18 9.61
N THR B 215 6.34 -37.68 9.51
CA THR B 215 6.75 -38.93 10.13
C THR B 215 7.71 -38.68 11.28
N SER B 216 8.17 -37.43 11.38
CA SER B 216 8.74 -36.83 12.58
C SER B 216 10.17 -37.21 12.92
N ASN B 217 10.76 -38.22 12.27
CA ASN B 217 12.18 -38.39 12.62
C ASN B 217 13.09 -37.78 11.55
N SER B 218 13.28 -38.48 10.43
CA SER B 218 13.89 -37.88 9.25
C SER B 218 13.56 -38.61 7.96
N VAL B 219 12.71 -39.64 8.05
CA VAL B 219 12.79 -40.72 7.07
C VAL B 219 12.35 -40.27 5.67
N LEU B 220 11.48 -39.26 5.58
CA LEU B 220 10.96 -38.87 4.28
C LEU B 220 11.91 -37.99 3.48
N LEU B 221 13.12 -37.80 3.98
CA LEU B 221 14.03 -36.85 3.37
C LEU B 221 14.96 -37.34 2.32
N PRO B 222 15.11 -38.64 2.17
CA PRO B 222 15.97 -39.13 1.08
C PRO B 222 15.15 -39.48 -0.14
N ILE B 223 13.85 -39.27 -0.04
CA ILE B 223 12.92 -39.54 -1.11
C ILE B 223 12.32 -38.23 -1.63
N MET B 224 11.92 -37.34 -0.74
CA MET B 224 11.32 -36.07 -1.16
C MET B 224 12.25 -35.33 -2.09
N LEU B 225 13.56 -35.57 -1.99
CA LEU B 225 14.51 -35.10 -2.98
C LEU B 225 14.47 -35.91 -4.27
N ASN B 226 13.95 -37.14 -4.23
CA ASN B 226 13.80 -38.00 -5.40
C ASN B 226 12.38 -37.91 -5.95
N MET B 227 11.62 -36.92 -5.49
CA MET B 227 10.28 -36.68 -6.00
C MET B 227 10.21 -35.29 -6.62
N ILE B 228 11.02 -34.37 -6.09
CA ILE B 228 11.17 -33.07 -6.73
C ILE B 228 11.79 -33.23 -8.11
N ALA B 229 12.75 -34.15 -8.25
CA ALA B 229 13.39 -34.42 -9.53
C ALA B 229 12.60 -35.38 -10.40
N GLN B 230 11.63 -36.10 -9.84
CA GLN B 230 10.94 -37.16 -10.57
C GLN B 230 9.57 -36.72 -11.08
N ASP B 231 9.32 -35.42 -11.15
CA ASP B 231 8.11 -34.90 -11.77
C ASP B 231 8.42 -34.37 -13.16
N LYS B 232 7.56 -34.68 -14.12
CA LYS B 232 7.79 -34.26 -15.50
C LYS B 232 7.12 -32.93 -15.84
N SER B 233 6.29 -32.40 -14.93
CA SER B 233 5.65 -31.12 -15.20
C SER B 233 6.62 -29.96 -15.05
N SER B 234 7.76 -30.17 -14.41
CA SER B 234 8.75 -29.13 -14.19
C SER B 234 9.71 -28.98 -15.36
N THR B 235 9.71 -29.92 -16.32
CA THR B 235 10.57 -29.80 -17.46
C THR B 235 10.16 -28.62 -18.34
N THR B 236 11.16 -27.98 -18.97
CA THR B 236 10.88 -26.80 -19.77
C THR B 236 10.02 -27.11 -20.98
N ALA B 237 9.97 -28.39 -21.39
CA ALA B 237 9.06 -28.78 -22.46
C ALA B 237 7.61 -28.52 -22.04
N TYR B 238 7.27 -28.85 -20.80
CA TYR B 238 5.95 -28.51 -20.28
C TYR B 238 5.77 -27.00 -20.17
N GLN B 239 6.80 -26.29 -19.71
CA GLN B 239 6.72 -24.84 -19.57
C GLN B 239 6.50 -24.12 -20.89
N ILE B 240 6.93 -24.73 -22.00
CA ILE B 240 6.70 -24.12 -23.31
C ILE B 240 5.22 -24.16 -23.67
N LEU B 241 4.55 -25.29 -23.42
CA LEU B 241 3.20 -25.53 -23.89
C LEU B 241 2.12 -25.12 -22.89
N CYS B 242 2.48 -24.51 -21.77
CA CYS B 242 1.49 -24.09 -20.79
C CYS B 242 0.94 -22.72 -21.17
N ARG B 243 0.19 -22.10 -20.25
CA ARG B 243 -0.40 -20.80 -20.52
C ARG B 243 0.63 -19.67 -20.47
N ARG B 244 1.78 -19.90 -19.84
CA ARG B 244 2.92 -18.97 -19.86
C ARG B 244 2.48 -17.60 -19.32
N ARG B 245 2.18 -17.57 -18.02
CA ARG B 245 1.59 -16.37 -17.42
C ARG B 245 2.65 -15.32 -17.09
N GLY B 246 3.75 -15.72 -16.46
CA GLY B 246 4.85 -14.82 -16.18
C GLY B 246 5.69 -14.56 -17.42
N PRO B 247 5.81 -13.30 -17.83
CA PRO B 247 6.30 -13.01 -19.20
C PRO B 247 7.74 -13.43 -19.45
N PRO B 248 8.78 -12.95 -18.69
CA PRO B 248 10.12 -13.45 -18.99
C PRO B 248 10.62 -14.54 -18.05
N ILE B 249 11.31 -15.54 -18.58
CA ILE B 249 12.19 -16.40 -17.79
C ILE B 249 12.99 -17.28 -18.75
N GLN B 250 14.11 -17.81 -18.26
CA GLN B 250 14.96 -18.79 -18.96
C GLN B 250 15.29 -18.34 -20.38
N ASN B 251 16.12 -17.29 -20.47
CA ASN B 251 16.53 -16.70 -21.73
C ASN B 251 17.06 -17.73 -22.72
N PHE B 252 17.84 -18.70 -22.24
CA PHE B 252 18.21 -19.89 -23.00
C PHE B 252 18.95 -19.55 -24.31
N GLN B 253 19.83 -18.55 -24.28
CA GLN B 253 20.65 -18.19 -25.43
C GLN B 253 22.11 -18.31 -25.01
N ILE B 254 22.82 -19.29 -25.55
CA ILE B 254 24.09 -19.74 -25.00
C ILE B 254 25.14 -19.78 -26.11
N PHE B 255 26.41 -19.77 -25.69
CA PHE B 255 27.55 -19.67 -26.60
C PHE B 255 27.38 -18.49 -27.56
N SER B 256 27.44 -17.27 -27.03
CA SER B 256 27.29 -16.09 -27.84
C SER B 256 28.64 -15.66 -28.44
N ILE B 257 28.60 -14.62 -29.25
CA ILE B 257 29.81 -14.07 -29.86
C ILE B 257 30.65 -13.42 -28.76
N PRO B 258 31.99 -13.49 -28.84
CA PRO B 258 32.83 -12.75 -27.87
C PRO B 258 32.78 -11.25 -28.10
N PHE C 5 -17.40 49.67 12.23
CA PHE C 5 -18.15 49.70 10.99
C PHE C 5 -19.65 49.65 11.24
N ILE C 6 -20.40 49.29 10.21
CA ILE C 6 -21.85 49.13 10.28
C ILE C 6 -22.18 47.66 10.11
N ALA C 7 -22.90 47.09 11.07
CA ALA C 7 -23.21 45.67 11.06
C ALA C 7 -24.48 45.40 10.26
N THR C 8 -24.34 45.12 8.97
CA THR C 8 -25.48 44.79 8.12
C THR C 8 -25.87 43.33 8.29
N ALA C 9 -26.69 42.81 7.38
CA ALA C 9 -27.31 41.50 7.51
C ALA C 9 -26.28 40.41 7.77
N ASN C 10 -26.72 39.40 8.52
CA ASN C 10 -25.90 38.23 8.86
C ASN C 10 -26.83 37.02 8.92
N ALA C 11 -26.28 35.86 9.27
CA ALA C 11 -27.09 34.64 9.34
C ALA C 11 -26.38 33.65 10.24
N GLY C 12 -27.01 33.29 11.36
CA GLY C 12 -26.46 32.31 12.27
C GLY C 12 -27.02 30.92 12.03
N LYS C 13 -26.24 29.89 12.37
CA LYS C 13 -26.59 28.50 12.05
C LYS C 13 -26.94 28.36 10.57
N ALA C 14 -26.18 29.03 9.71
CA ALA C 14 -26.39 28.96 8.27
C ALA C 14 -26.30 27.52 7.80
N HIS C 15 -25.12 26.93 7.95
CA HIS C 15 -24.92 25.51 7.73
C HIS C 15 -24.81 24.81 9.08
N ASP C 16 -24.46 23.53 9.07
CA ASP C 16 -24.36 22.82 10.34
C ASP C 16 -23.01 22.15 10.53
N ALA C 17 -22.20 22.05 9.47
CA ALA C 17 -20.89 21.43 9.70
C ALA C 17 -19.82 22.42 10.14
N ASP C 18 -19.27 23.23 9.23
CA ASP C 18 -18.27 24.21 9.65
C ASP C 18 -18.14 25.48 8.80
N ILE C 19 -18.94 25.63 7.75
CA ILE C 19 -18.78 26.63 6.69
C ILE C 19 -17.35 27.16 6.54
N PHE C 20 -16.57 26.60 5.61
CA PHE C 20 -15.15 26.90 5.49
C PHE C 20 -14.82 28.10 4.58
N SER C 21 -15.68 28.54 3.67
CA SER C 21 -15.22 29.49 2.65
C SER C 21 -16.41 30.31 2.14
N VAL C 22 -16.09 31.37 1.39
CA VAL C 22 -17.04 32.36 0.89
C VAL C 22 -16.45 33.01 -0.37
N SER C 23 -17.29 33.37 -1.33
CA SER C 23 -16.86 34.12 -2.51
C SER C 23 -18.04 34.95 -3.00
N ALA C 24 -17.78 35.86 -3.95
CA ALA C 24 -18.81 36.79 -4.38
C ALA C 24 -18.49 37.34 -5.77
N CYS C 25 -19.55 37.49 -6.59
CA CYS C 25 -19.50 38.13 -7.92
C CYS C 25 -20.71 39.04 -8.12
N ASN C 26 -20.91 39.97 -7.18
CA ASN C 26 -21.93 41.01 -7.26
C ASN C 26 -23.32 40.43 -6.97
N SER C 27 -23.86 39.63 -7.90
CA SER C 27 -25.16 39.03 -7.70
C SER C 27 -25.15 38.08 -6.51
N PHE C 28 -24.04 37.38 -6.31
CA PHE C 28 -24.00 36.26 -5.38
C PHE C 28 -23.10 36.50 -4.18
N THR C 29 -23.22 35.62 -3.17
CA THR C 29 -22.25 35.50 -2.09
C THR C 29 -21.98 34.01 -1.89
N VAL C 30 -21.66 33.31 -2.99
CA VAL C 30 -21.51 31.86 -2.98
C VAL C 30 -20.59 31.44 -1.85
N SER C 31 -21.00 30.42 -1.10
CA SER C 31 -20.27 29.97 0.09
C SER C 31 -20.44 28.46 0.23
N CYS C 32 -19.39 27.72 -0.07
CA CYS C 32 -19.37 26.29 0.20
C CYS C 32 -19.20 26.08 1.69
N SER C 33 -19.43 24.85 2.16
CA SER C 33 -19.43 24.60 3.60
C SER C 33 -19.03 23.15 3.85
N GLY C 34 -19.22 22.69 5.08
CA GLY C 34 -18.75 21.37 5.47
C GLY C 34 -19.37 20.21 4.72
N ASP C 35 -20.68 19.98 4.90
CA ASP C 35 -21.33 18.77 4.39
C ASP C 35 -21.80 18.98 2.96
N GLY C 36 -20.90 19.49 2.13
CA GLY C 36 -21.12 19.62 0.69
C GLY C 36 -22.38 20.38 0.32
N TYR C 37 -22.62 21.52 0.95
CA TYR C 37 -23.82 22.31 0.73
C TYR C 37 -23.43 23.68 0.17
N LEU C 38 -23.51 23.81 -1.15
CA LEU C 38 -23.51 25.15 -1.75
C LEU C 38 -24.86 25.80 -1.51
N LYS C 39 -24.78 26.92 -0.81
CA LYS C 39 -25.90 27.74 -0.42
C LYS C 39 -25.70 29.16 -0.91
N VAL C 40 -25.86 29.38 -2.22
CA VAL C 40 -25.67 30.73 -2.72
C VAL C 40 -26.56 31.78 -2.07
N TRP C 41 -25.96 32.71 -1.33
CA TRP C 41 -26.70 33.78 -0.70
C TRP C 41 -26.79 34.95 -1.66
N ASP C 42 -27.90 35.07 -2.37
CA ASP C 42 -28.13 36.16 -3.30
C ASP C 42 -27.86 37.49 -2.61
N ASN C 43 -26.99 38.30 -3.23
CA ASN C 43 -26.44 39.48 -2.59
C ASN C 43 -27.44 40.63 -2.53
N LYS C 44 -28.21 40.84 -3.60
CA LYS C 44 -29.14 41.97 -3.63
C LYS C 44 -30.33 41.71 -2.72
N LEU C 45 -30.15 42.00 -1.44
CA LEU C 45 -31.23 41.82 -0.49
C LEU C 45 -31.56 43.19 0.07
N LEU C 46 -32.85 43.49 0.13
CA LEU C 46 -33.30 44.78 0.60
C LEU C 46 -33.79 44.72 2.02
N ASP C 47 -34.50 45.76 2.43
CA ASP C 47 -35.08 45.87 3.76
C ASP C 47 -34.07 45.56 4.84
N ASN C 48 -34.32 44.50 5.59
CA ASN C 48 -33.46 44.06 6.66
C ASN C 48 -33.46 42.55 6.77
N GLU C 49 -34.33 41.92 6.00
CA GLU C 49 -34.49 40.47 5.96
C GLU C 49 -33.17 39.70 5.87
N ASN C 50 -33.05 38.64 6.66
CA ASN C 50 -31.86 37.81 6.63
C ASN C 50 -31.86 37.05 5.32
N PRO C 51 -30.68 36.76 4.77
CA PRO C 51 -30.57 36.10 3.47
C PRO C 51 -30.97 34.63 3.29
N LYS C 52 -31.63 34.01 4.26
CA LYS C 52 -32.03 32.62 4.11
C LYS C 52 -33.01 32.42 2.95
N ASP C 53 -33.96 33.34 2.82
CA ASP C 53 -34.99 33.30 1.76
C ASP C 53 -34.34 33.08 0.40
N LYS C 54 -33.36 33.92 0.11
CA LYS C 54 -32.54 33.80 -1.08
C LYS C 54 -31.55 32.64 -1.00
N SER C 55 -31.58 31.85 0.07
CA SER C 55 -30.66 30.72 0.24
C SER C 55 -31.12 29.56 -0.63
N TYR C 56 -30.55 29.45 -1.82
CA TYR C 56 -30.86 28.36 -2.76
C TYR C 56 -29.81 27.26 -2.65
N SER C 57 -30.04 26.38 -1.67
CA SER C 57 -29.13 25.28 -1.36
C SER C 57 -29.12 24.21 -2.44
N HIS C 58 -28.07 23.39 -2.47
CA HIS C 58 -27.99 22.24 -3.34
C HIS C 58 -26.94 21.26 -2.83
N PHE C 59 -27.35 20.03 -2.51
CA PHE C 59 -26.42 19.01 -2.03
C PHE C 59 -25.40 18.70 -3.12
N VAL C 60 -24.12 18.60 -2.76
CA VAL C 60 -23.07 18.47 -3.75
C VAL C 60 -22.28 17.19 -3.56
N HIS C 61 -21.64 17.02 -2.40
CA HIS C 61 -20.87 15.82 -2.14
C HIS C 61 -20.98 15.47 -0.66
N LYS C 62 -20.98 14.16 -0.38
CA LYS C 62 -21.06 13.69 1.00
C LYS C 62 -19.73 13.86 1.73
N SER C 63 -18.62 13.90 0.99
CA SER C 63 -17.30 13.98 1.62
C SER C 63 -17.12 15.26 2.41
N GLY C 64 -17.14 16.39 1.72
CA GLY C 64 -17.00 17.67 2.40
C GLY C 64 -16.27 18.68 1.55
N LEU C 65 -16.70 19.93 1.65
CA LEU C 65 -16.22 21.03 0.81
C LEU C 65 -15.39 21.97 1.66
N HIS C 66 -14.18 22.32 1.19
CA HIS C 66 -13.42 23.37 1.86
C HIS C 66 -13.47 24.69 1.12
N HIS C 67 -13.09 24.71 -0.15
CA HIS C 67 -12.94 25.95 -0.90
C HIS C 67 -14.05 26.13 -1.92
N VAL C 68 -14.23 27.37 -2.40
CA VAL C 68 -15.22 27.66 -3.42
C VAL C 68 -14.82 28.92 -4.17
N ASP C 69 -14.86 28.87 -5.50
CA ASP C 69 -14.67 30.07 -6.30
C ASP C 69 -15.79 30.17 -7.34
N VAL C 70 -15.97 31.38 -7.88
CA VAL C 70 -17.04 31.66 -8.83
C VAL C 70 -16.62 32.82 -9.72
N LEU C 71 -16.91 32.72 -11.01
CA LEU C 71 -16.56 33.78 -11.96
C LEU C 71 -17.77 34.21 -12.78
N GLN C 72 -18.14 35.48 -12.59
CA GLN C 72 -19.17 36.07 -13.43
C GLN C 72 -18.52 37.02 -14.44
N THR C 73 -18.84 36.82 -15.71
CA THR C 73 -18.29 37.65 -16.78
C THR C 73 -19.40 38.50 -17.38
N ILE C 74 -19.02 39.31 -18.38
CA ILE C 74 -19.99 40.11 -19.12
C ILE C 74 -19.80 39.84 -20.60
N GLU C 75 -20.61 38.93 -21.15
CA GLU C 75 -20.46 38.51 -22.53
C GLU C 75 -21.02 39.54 -23.50
N PHE C 79 -25.55 36.14 -23.64
CA PHE C 79 -24.85 35.12 -22.87
C PHE C 79 -24.54 35.63 -21.47
N GLU C 80 -24.75 34.78 -20.46
CA GLU C 80 -24.60 35.18 -19.08
C GLU C 80 -23.87 34.12 -18.27
N LEU C 81 -22.76 33.61 -18.81
CA LEU C 81 -22.03 32.49 -18.22
C LEU C 81 -21.58 32.82 -16.79
N CYS C 82 -21.80 31.87 -15.87
CA CYS C 82 -21.36 32.03 -14.48
C CYS C 82 -21.22 30.64 -13.89
N LEU C 83 -20.00 30.27 -13.52
CA LEU C 83 -19.70 28.94 -13.03
C LEU C 83 -19.25 29.00 -11.56
N VAL C 84 -19.42 27.87 -10.86
CA VAL C 84 -18.99 27.73 -9.49
C VAL C 84 -18.10 26.50 -9.40
N ALA C 85 -16.96 26.64 -8.71
CA ALA C 85 -15.95 25.59 -8.67
C ALA C 85 -15.66 25.25 -7.21
N THR C 86 -15.90 23.99 -6.85
CA THR C 86 -15.59 23.48 -5.51
C THR C 86 -14.67 22.26 -5.61
N THR C 87 -13.94 22.00 -4.53
CA THR C 87 -12.81 21.06 -4.52
C THR C 87 -12.90 20.13 -3.30
N SER C 88 -14.04 19.43 -3.17
CA SER C 88 -14.37 18.63 -1.99
C SER C 88 -13.24 17.75 -1.47
N PHE C 89 -13.28 17.42 -0.17
CA PHE C 89 -12.18 16.76 0.54
C PHE C 89 -11.73 15.48 -0.13
N SER C 90 -12.60 14.88 -0.95
CA SER C 90 -12.29 13.63 -1.61
C SER C 90 -11.39 13.78 -2.83
N GLY C 91 -11.14 15.00 -3.29
CA GLY C 91 -10.22 15.19 -4.39
C GLY C 91 -10.85 15.27 -5.76
N ASP C 92 -11.66 16.26 -5.99
CA ASP C 92 -12.23 16.35 -7.30
C ASP C 92 -12.61 17.79 -7.55
N LEU C 93 -13.01 18.02 -8.78
CA LEU C 93 -13.35 19.36 -9.24
C LEU C 93 -14.83 19.38 -9.62
N LEU C 94 -15.67 19.84 -8.70
CA LEU C 94 -17.11 19.90 -8.89
C LEU C 94 -17.47 21.29 -9.41
N PHE C 95 -17.83 21.37 -10.69
CA PHE C 95 -18.27 22.61 -11.29
C PHE C 95 -19.79 22.66 -11.39
N TYR C 96 -20.31 23.88 -11.51
CA TYR C 96 -21.76 24.07 -11.56
C TYR C 96 -22.10 25.29 -12.40
N ARG C 97 -23.00 25.09 -13.37
CA ARG C 97 -23.62 26.20 -14.12
C ARG C 97 -24.70 26.81 -13.26
N ILE C 98 -24.43 28.02 -12.78
CA ILE C 98 -25.44 28.75 -12.03
C ILE C 98 -26.18 29.69 -12.97
N THR C 99 -27.44 29.35 -13.26
CA THR C 99 -28.30 30.21 -14.06
C THR C 99 -29.71 30.19 -13.47
N ARG C 100 -30.37 31.35 -13.57
CA ARG C 100 -31.71 31.52 -13.03
C ARG C 100 -32.76 30.99 -14.00
N LYS C 106 -35.03 31.86 -8.07
CA LYS C 106 -34.83 30.41 -8.04
C LYS C 106 -33.83 29.95 -9.10
N VAL C 107 -32.56 29.87 -8.71
CA VAL C 107 -31.50 29.45 -9.62
C VAL C 107 -31.54 27.93 -9.73
N ILE C 108 -31.12 27.39 -10.87
CA ILE C 108 -31.02 25.95 -11.04
C ILE C 108 -29.54 25.55 -11.03
N PHE C 109 -29.22 24.54 -10.22
CA PHE C 109 -27.87 24.00 -10.17
C PHE C 109 -27.75 22.91 -11.23
N GLU C 110 -27.16 23.25 -12.38
CA GLU C 110 -26.96 22.30 -13.47
C GLU C 110 -25.48 21.97 -13.54
N LYS C 111 -25.14 20.73 -13.17
CA LYS C 111 -23.75 20.28 -13.17
C LYS C 111 -23.26 19.95 -14.56
N LEU C 112 -22.31 20.74 -15.06
CA LEU C 112 -21.56 20.37 -16.26
C LEU C 112 -20.13 19.98 -15.88
N ASP C 113 -19.82 18.70 -16.07
CA ASP C 113 -18.46 18.22 -15.83
C ASP C 113 -17.63 18.46 -17.08
N LEU C 114 -17.03 19.64 -17.19
CA LEU C 114 -16.27 20.02 -18.38
C LEU C 114 -14.86 19.46 -18.37
N LEU C 115 -14.48 18.74 -17.31
CA LEU C 115 -13.19 18.07 -17.26
C LEU C 115 -13.24 16.72 -17.96
N ASP C 116 -12.17 15.95 -17.81
CA ASP C 116 -12.07 14.61 -18.37
C ASP C 116 -12.22 13.55 -17.29
N SER C 117 -12.08 12.28 -17.65
CA SER C 117 -12.20 11.19 -16.69
C SER C 117 -10.87 10.57 -16.28
N ASP C 118 -9.78 10.79 -17.03
CA ASP C 118 -8.48 10.23 -16.71
C ASP C 118 -7.68 11.11 -15.77
N MET C 119 -8.21 12.27 -15.37
CA MET C 119 -7.49 13.24 -14.57
C MET C 119 -7.90 13.16 -13.10
N LYS C 120 -9.11 12.66 -12.83
CA LYS C 120 -9.57 12.50 -11.44
C LYS C 120 -8.81 11.38 -10.75
N LYS C 121 -7.54 11.62 -10.44
CA LYS C 121 -6.74 10.56 -9.81
C LYS C 121 -5.93 11.08 -8.62
N HIS C 122 -6.07 12.35 -8.25
CA HIS C 122 -5.36 12.91 -7.12
C HIS C 122 -6.19 14.06 -6.55
N SER C 123 -5.88 14.44 -5.31
CA SER C 123 -6.72 15.37 -4.56
C SER C 123 -6.25 16.80 -4.79
N PHE C 124 -7.12 17.60 -5.41
CA PHE C 124 -6.85 19.02 -5.56
C PHE C 124 -7.38 19.79 -4.36
N TRP C 125 -6.53 20.68 -3.83
CA TRP C 125 -6.84 21.34 -2.57
C TRP C 125 -7.50 22.70 -2.77
N ALA C 126 -6.80 23.62 -3.42
CA ALA C 126 -7.33 24.97 -3.61
C ALA C 126 -7.26 25.36 -5.09
N LEU C 127 -8.04 26.37 -5.45
CA LEU C 127 -8.05 26.86 -6.83
C LEU C 127 -8.31 28.35 -6.83
N LYS C 128 -7.98 28.98 -7.95
CA LYS C 128 -8.33 30.37 -8.20
C LYS C 128 -8.61 30.56 -9.68
N TRP C 129 -9.66 31.30 -9.97
CA TRP C 129 -10.05 31.71 -11.32
C TRP C 129 -9.37 33.03 -11.68
N GLY C 130 -8.86 33.09 -12.90
CA GLY C 130 -8.31 34.32 -13.44
C GLY C 130 -9.13 34.82 -14.60
N ALA C 131 -9.68 36.03 -14.47
CA ALA C 131 -10.57 36.57 -15.49
C ALA C 131 -9.79 36.94 -16.74
N SER C 132 -10.51 37.06 -17.85
CA SER C 132 -9.91 37.37 -19.15
C SER C 132 -9.79 38.88 -19.30
N ASN C 133 -8.57 39.39 -19.16
CA ASN C 133 -8.31 40.82 -19.33
C ASN C 133 -6.82 41.07 -19.57
N SER C 138 -9.92 34.46 -22.53
CA SER C 138 -8.65 34.21 -21.86
C SER C 138 -8.85 33.84 -20.39
N HIS C 139 -10.04 33.33 -20.06
CA HIS C 139 -10.32 32.89 -18.71
C HIS C 139 -9.49 31.65 -18.37
N ARG C 140 -8.90 31.66 -17.18
CA ARG C 140 -8.05 30.57 -16.75
C ARG C 140 -8.41 30.19 -15.31
N LEU C 141 -7.86 29.08 -14.85
CA LEU C 141 -7.82 28.81 -13.42
C LEU C 141 -6.63 27.92 -13.11
N VAL C 142 -6.18 27.99 -11.86
CA VAL C 142 -5.13 27.12 -11.35
C VAL C 142 -5.63 26.43 -10.10
N ALA C 143 -5.37 25.13 -10.03
CA ALA C 143 -5.80 24.33 -8.87
C ALA C 143 -4.68 23.35 -8.54
N THR C 144 -3.91 23.66 -7.50
CA THR C 144 -2.83 22.78 -7.09
C THR C 144 -3.36 21.62 -6.27
N ASP C 145 -2.75 20.45 -6.45
CA ASP C 145 -3.17 19.25 -5.74
C ASP C 145 -2.41 19.12 -4.43
N VAL C 146 -2.63 18.01 -3.73
CA VAL C 146 -2.04 17.78 -2.41
C VAL C 146 -0.71 17.06 -2.58
N LYS C 147 -0.23 16.97 -3.82
CA LYS C 147 1.08 16.39 -4.08
C LYS C 147 2.10 17.49 -4.32
N GLY C 148 1.66 18.61 -4.89
CA GLY C 148 2.54 19.74 -5.09
C GLY C 148 2.44 20.39 -6.47
N THR C 149 1.95 19.62 -7.45
CA THR C 149 1.86 20.13 -8.81
C THR C 149 0.89 21.29 -8.89
N THR C 150 1.29 22.35 -9.59
CA THR C 150 0.48 23.54 -9.79
C THR C 150 -0.19 23.47 -11.16
N TYR C 151 -1.30 22.73 -11.22
CA TYR C 151 -2.01 22.52 -12.48
C TYR C 151 -2.66 23.80 -12.98
N ILE C 152 -2.61 24.02 -14.29
CA ILE C 152 -3.15 25.22 -14.93
C ILE C 152 -4.08 24.76 -16.04
N TRP C 153 -5.30 25.31 -16.09
CA TRP C 153 -6.20 25.01 -17.17
C TRP C 153 -6.42 26.23 -18.05
N LYS C 154 -7.23 26.05 -19.09
CA LYS C 154 -7.62 27.13 -19.99
C LYS C 154 -9.06 26.92 -20.42
N PHE C 155 -9.86 27.97 -20.32
CA PHE C 155 -11.31 27.87 -20.53
C PHE C 155 -11.66 28.16 -21.98
N HIS C 156 -12.63 27.42 -22.52
CA HIS C 156 -13.13 27.62 -23.88
C HIS C 156 -14.62 27.32 -23.89
N PRO C 157 -15.45 28.33 -23.60
CA PRO C 157 -16.91 28.10 -23.54
C PRO C 157 -17.49 27.57 -24.84
N PHE C 158 -16.98 28.01 -25.98
CA PHE C 158 -17.51 27.58 -27.27
C PHE C 158 -16.45 26.89 -28.11
N ASN C 168 -23.40 28.59 -27.91
CA ASN C 168 -23.46 27.14 -27.90
C ASN C 168 -22.75 26.61 -26.66
N TRP C 169 -23.53 26.12 -25.70
CA TRP C 169 -22.99 25.60 -24.45
C TRP C 169 -22.29 24.26 -24.65
N SER C 170 -20.96 24.29 -24.67
CA SER C 170 -20.11 23.10 -24.74
C SER C 170 -18.71 23.44 -24.24
N PRO C 171 -18.55 23.76 -22.96
CA PRO C 171 -17.23 24.17 -22.46
C PRO C 171 -16.23 23.03 -22.49
N THR C 172 -14.96 23.40 -22.59
CA THR C 172 -13.87 22.44 -22.52
C THR C 172 -12.72 23.08 -21.76
N LEU C 173 -12.24 22.40 -20.72
CA LEU C 173 -11.17 22.91 -19.88
C LEU C 173 -9.90 22.13 -20.21
N GLU C 174 -8.94 22.80 -20.83
CA GLU C 174 -7.75 22.14 -21.38
C GLU C 174 -6.57 22.37 -20.45
N LEU C 175 -5.86 21.29 -20.12
CA LEU C 175 -4.74 21.36 -19.18
C LEU C 175 -3.46 21.81 -19.87
N GLN C 176 -2.72 22.72 -19.24
CA GLN C 176 -1.44 23.16 -19.77
C GLN C 176 -0.36 23.18 -18.71
N GLY C 177 -0.75 23.24 -17.44
CA GLY C 177 0.19 23.44 -16.36
C GLY C 177 0.79 22.16 -15.82
N THR C 178 2.11 22.12 -15.79
CA THR C 178 2.87 21.03 -15.18
C THR C 178 4.00 21.66 -14.35
N VAL C 179 3.60 22.56 -13.46
CA VAL C 179 4.55 23.23 -12.58
C VAL C 179 4.88 22.29 -11.42
N GLU C 180 6.06 21.66 -11.47
CA GLU C 180 6.45 20.69 -10.47
C GLU C 180 6.72 21.37 -9.13
N SER C 181 6.86 20.58 -8.08
CA SER C 181 7.10 21.07 -6.73
C SER C 181 8.60 21.32 -6.51
N PRO C 182 9.01 22.59 -6.32
CA PRO C 182 10.44 22.84 -6.06
C PRO C 182 10.90 22.24 -4.74
N MET C 183 10.22 22.56 -3.64
CA MET C 183 10.65 22.09 -2.34
C MET C 183 10.35 20.60 -2.18
N THR C 184 11.31 19.86 -1.65
CA THR C 184 11.32 18.42 -1.64
C THR C 184 11.03 17.89 -0.25
N PRO C 185 10.27 16.78 -0.13
CA PRO C 185 9.55 16.07 -1.19
C PRO C 185 8.04 16.29 -1.20
N SER C 186 7.49 16.63 -2.37
CA SER C 186 6.07 16.56 -2.70
C SER C 186 5.17 16.90 -1.51
N GLN C 187 5.37 18.09 -0.97
CA GLN C 187 4.64 18.46 0.23
C GLN C 187 3.33 19.16 -0.11
N PHE C 188 2.65 19.63 0.94
CA PHE C 188 1.27 20.05 0.84
C PHE C 188 1.18 21.43 0.18
N ALA C 189 0.61 21.47 -1.02
CA ALA C 189 0.41 22.74 -1.76
C ALA C 189 -0.86 23.39 -1.24
N THR C 190 -0.67 24.29 -0.28
CA THR C 190 -1.81 24.82 0.49
C THR C 190 -2.54 25.94 -0.25
N SER C 191 -1.81 26.88 -0.83
CA SER C 191 -2.40 28.13 -1.29
C SER C 191 -2.21 28.29 -2.79
N VAL C 192 -3.08 29.13 -3.37
CA VAL C 192 -3.20 29.30 -4.82
C VAL C 192 -3.53 30.76 -5.12
N ASP C 193 -2.97 31.29 -6.20
CA ASP C 193 -3.32 32.64 -6.64
C ASP C 193 -2.98 32.83 -8.10
N ILE C 194 -3.58 33.89 -8.67
CA ILE C 194 -3.33 34.35 -10.04
C ILE C 194 -3.12 35.86 -10.05
N SER C 195 -2.01 36.31 -10.63
CA SER C 195 -1.80 37.74 -10.81
C SER C 195 -2.70 38.28 -11.91
N GLU C 196 -2.91 39.59 -11.91
CA GLU C 196 -3.67 40.21 -12.98
C GLU C 196 -2.94 39.97 -14.30
N ARG C 197 -1.62 40.14 -14.32
CA ARG C 197 -0.90 39.94 -15.57
C ARG C 197 -0.53 38.49 -15.84
N GLY C 198 0.45 37.95 -15.09
CA GLY C 198 0.95 36.62 -15.40
C GLY C 198 1.54 35.73 -14.32
N LEU C 199 1.41 36.08 -13.05
CA LEU C 199 2.21 35.45 -11.99
C LEU C 199 1.32 34.59 -11.09
N ILE C 200 1.87 33.45 -10.65
CA ILE C 200 1.15 32.45 -9.87
C ILE C 200 1.94 32.10 -8.61
N ALA C 201 1.48 32.58 -7.45
CA ALA C 201 2.14 32.27 -6.19
C ALA C 201 1.57 30.99 -5.57
N THR C 202 2.38 29.93 -5.56
CA THR C 202 1.95 28.66 -4.99
C THR C 202 2.57 28.43 -3.61
N GLY C 203 1.94 28.95 -2.56
CA GLY C 203 2.39 28.72 -1.21
C GLY C 203 2.39 27.25 -0.83
N PHE C 204 3.40 26.82 -0.08
CA PHE C 204 3.55 25.41 0.27
C PHE C 204 3.31 25.23 1.77
N ASN C 205 3.42 23.99 2.25
CA ASN C 205 3.12 23.70 3.65
C ASN C 205 4.17 24.28 4.58
N ASN C 206 5.40 24.43 4.10
CA ASN C 206 6.50 24.96 4.90
C ASN C 206 7.25 25.99 4.07
N GLY C 207 6.80 27.23 4.14
CA GLY C 207 7.46 28.34 3.45
C GLY C 207 7.41 28.17 1.93
N THR C 208 8.53 28.45 1.26
CA THR C 208 8.75 28.28 -0.18
C THR C 208 7.54 28.69 -1.02
N VAL C 209 7.18 29.97 -1.00
CA VAL C 209 6.11 30.47 -1.85
C VAL C 209 6.68 30.71 -3.25
N GLN C 210 6.58 29.71 -4.11
CA GLN C 210 7.12 29.78 -5.46
C GLN C 210 6.39 30.84 -6.29
N ILE C 211 7.13 31.51 -7.17
CA ILE C 211 6.54 32.42 -8.15
C ILE C 211 6.85 31.87 -9.53
N SER C 212 5.82 31.73 -10.37
CA SER C 212 5.98 31.17 -11.70
C SER C 212 5.43 32.18 -12.71
N GLU C 213 5.52 31.81 -13.98
CA GLU C 213 5.04 32.66 -15.08
C GLU C 213 3.94 31.92 -15.82
N LEU C 214 3.07 32.69 -16.47
CA LEU C 214 1.88 32.14 -17.13
C LEU C 214 2.24 31.22 -18.30
N SER C 215 2.92 31.76 -19.30
CA SER C 215 3.08 31.07 -20.59
C SER C 215 4.48 30.48 -20.79
N THR C 216 5.31 30.42 -19.74
CA THR C 216 6.60 29.77 -19.83
C THR C 216 6.76 28.56 -18.94
N LEU C 217 5.93 28.39 -17.91
CA LEU C 217 5.95 27.22 -17.03
C LEU C 217 7.33 27.02 -16.42
N ARG C 218 7.94 28.13 -16.00
CA ARG C 218 9.24 28.14 -15.38
C ARG C 218 9.15 28.87 -14.05
N PRO C 219 9.54 28.24 -12.95
CA PRO C 219 9.47 28.91 -11.65
C PRO C 219 10.48 30.04 -11.52
N LEU C 220 10.00 31.25 -11.25
CA LEU C 220 10.87 32.39 -11.00
C LEU C 220 11.40 32.33 -9.58
N TYR C 221 11.95 33.44 -9.09
CA TYR C 221 12.48 33.54 -7.74
C TYR C 221 11.52 32.94 -6.71
N ASN C 222 11.97 31.91 -6.00
CA ASN C 222 11.18 31.28 -4.95
C ASN C 222 11.92 31.51 -3.63
N PHE C 223 11.30 32.28 -2.75
CA PHE C 223 11.90 32.62 -1.46
C PHE C 223 11.39 31.70 -0.37
N GLU C 224 11.69 32.04 0.89
CA GLU C 224 11.17 31.32 2.04
C GLU C 224 10.77 32.34 3.10
N SER C 225 10.09 31.91 4.16
CA SER C 225 9.77 32.76 5.29
C SER C 225 11.08 32.98 6.05
N GLN C 226 11.52 34.23 6.14
CA GLN C 226 12.85 34.53 6.64
C GLN C 226 13.04 34.09 8.10
N HIS C 227 12.04 34.35 8.94
CA HIS C 227 12.13 34.00 10.36
C HIS C 227 11.71 32.54 10.55
N SER C 228 12.59 31.65 10.10
CA SER C 228 12.36 30.21 10.19
C SER C 228 13.25 29.53 11.23
N MET C 229 13.74 30.27 12.22
CA MET C 229 14.61 29.68 13.22
C MET C 229 13.87 28.66 14.07
N ILE C 230 14.59 27.60 14.46
CA ILE C 230 14.09 26.53 15.33
C ILE C 230 13.03 25.71 14.60
N ASN C 231 13.19 24.38 14.61
CA ASN C 231 12.23 23.51 13.94
C ASN C 231 10.84 23.66 14.55
N ASN C 232 9.91 24.19 13.77
CA ASN C 232 8.54 24.42 14.19
C ASN C 232 7.65 24.54 12.96
N SER C 233 6.34 24.55 13.19
CA SER C 233 5.42 24.70 12.08
C SER C 233 5.45 26.11 11.53
N ASN C 234 5.68 26.21 10.22
CA ASN C 234 5.68 27.50 9.54
C ASN C 234 5.01 27.35 8.18
N SER C 235 3.70 27.57 8.12
CA SER C 235 2.91 27.29 6.93
C SER C 235 2.57 28.58 6.21
N ILE C 236 1.88 28.44 5.07
CA ILE C 236 1.42 29.56 4.26
C ILE C 236 -0.09 29.44 4.18
N ARG C 237 -0.80 30.13 5.08
CA ARG C 237 -2.26 30.04 5.10
C ARG C 237 -2.88 30.67 3.86
N SER C 238 -2.33 31.78 3.36
CA SER C 238 -2.87 32.40 2.16
C SER C 238 -1.84 33.31 1.55
N VAL C 239 -1.94 33.48 0.23
CA VAL C 239 -1.20 34.49 -0.52
C VAL C 239 -2.18 35.21 -1.41
N LYS C 240 -2.10 36.54 -1.45
CA LYS C 240 -3.01 37.31 -2.29
C LYS C 240 -2.29 38.51 -2.87
N PHE C 241 -2.37 38.66 -4.19
CA PHE C 241 -1.76 39.79 -4.88
C PHE C 241 -2.62 41.03 -4.72
N SER C 242 -2.04 42.18 -5.03
CA SER C 242 -2.75 43.45 -4.94
C SER C 242 -3.08 43.95 -6.34
N PRO C 243 -4.35 44.36 -6.58
CA PRO C 243 -4.80 44.87 -7.89
C PRO C 243 -3.80 44.91 -9.02
N GLN C 244 -3.22 46.09 -9.27
CA GLN C 244 -2.36 46.35 -10.43
C GLN C 244 -1.35 45.25 -10.69
N GLY C 245 -0.83 44.62 -9.63
CA GLY C 245 -0.03 43.42 -9.81
C GLY C 245 1.42 43.53 -9.43
N SER C 246 1.74 44.37 -8.43
CA SER C 246 3.13 44.53 -8.02
C SER C 246 3.35 44.02 -6.60
N LEU C 247 2.31 44.07 -5.76
CA LEU C 247 2.47 43.68 -4.37
C LEU C 247 2.28 42.18 -4.20
N LEU C 248 2.95 41.63 -3.20
CA LEU C 248 2.94 40.19 -2.92
C LEU C 248 2.77 39.94 -1.42
N ALA C 249 1.76 40.56 -0.81
CA ALA C 249 1.49 40.30 0.59
C ALA C 249 1.23 38.83 0.83
N ILE C 250 1.92 38.26 1.83
CA ILE C 250 1.89 36.84 2.12
C ILE C 250 1.67 36.65 3.60
N ALA C 251 0.71 35.80 3.97
CA ALA C 251 0.52 35.40 5.35
C ALA C 251 1.28 34.11 5.63
N HIS C 252 1.58 33.89 6.91
CA HIS C 252 2.25 32.67 7.33
C HIS C 252 1.90 32.42 8.80
N ASP C 253 2.55 31.43 9.40
CA ASP C 253 2.27 31.04 10.78
C ASP C 253 3.59 30.81 11.50
N SER C 254 3.80 31.52 12.60
CA SER C 254 5.00 31.37 13.42
C SER C 254 4.62 30.63 14.69
N ASN C 255 4.99 29.34 14.75
CA ASN C 255 4.68 28.48 15.89
C ASN C 255 3.19 28.48 16.18
N SER C 256 2.76 29.31 17.13
CA SER C 256 1.36 29.48 17.46
C SER C 256 0.91 30.92 17.26
N PHE C 257 1.65 31.67 16.43
CA PHE C 257 1.34 33.06 16.15
C PHE C 257 1.32 33.27 14.64
N GLY C 258 0.56 34.27 14.21
CA GLY C 258 0.42 34.56 12.80
C GLY C 258 0.98 35.93 12.46
N CYS C 259 1.57 36.03 11.27
CA CYS C 259 2.15 37.29 10.81
C CYS C 259 1.78 37.58 9.36
N ILE C 260 2.31 38.66 8.82
CA ILE C 260 2.09 39.03 7.41
C ILE C 260 3.41 39.52 6.84
N THR C 261 3.72 39.12 5.61
CA THR C 261 5.00 39.46 4.99
C THR C 261 4.75 39.82 3.53
N LEU C 262 5.05 41.07 3.16
CA LEU C 262 4.80 41.53 1.81
C LEU C 262 6.06 41.38 0.94
N TYR C 263 5.86 41.47 -0.37
CA TYR C 263 6.94 41.42 -1.35
C TYR C 263 6.54 42.23 -2.56
N GLU C 264 7.49 42.42 -3.48
CA GLU C 264 7.17 43.00 -4.78
C GLU C 264 7.40 41.96 -5.87
N THR C 265 6.45 41.86 -6.79
CA THR C 265 6.56 40.93 -7.91
C THR C 265 7.42 41.51 -9.02
N GLY C 268 11.68 39.36 -5.86
CA GLY C 268 11.16 39.09 -4.52
C GLY C 268 12.06 39.60 -3.42
N GLU C 269 11.65 40.69 -2.78
CA GLU C 269 12.43 41.34 -1.73
C GLU C 269 11.56 41.54 -0.51
N ARG C 270 12.15 41.29 0.67
CA ARG C 270 11.44 41.46 1.94
C ARG C 270 11.32 42.95 2.24
N ILE C 271 10.09 43.41 2.50
CA ILE C 271 9.86 44.84 2.69
C ILE C 271 9.12 45.10 4.00
N GLY C 272 9.17 44.16 4.92
CA GLY C 272 8.61 44.40 6.24
C GLY C 272 7.61 43.36 6.70
N SER C 273 6.96 43.63 7.84
CA SER C 273 5.98 42.71 8.40
C SER C 273 4.95 43.46 9.23
N LEU C 274 3.67 43.26 8.93
CA LEU C 274 2.61 43.91 9.69
C LEU C 274 2.58 43.39 11.12
N SER C 275 2.34 44.29 12.07
CA SER C 275 2.37 43.93 13.47
C SER C 275 1.44 44.85 14.26
N VAL C 276 0.81 44.29 15.29
CA VAL C 276 -0.03 45.06 16.21
C VAL C 276 0.89 45.88 17.11
N PRO C 277 0.46 47.04 17.61
CA PRO C 277 1.28 47.77 18.57
C PRO C 277 1.58 46.92 19.80
N THR C 278 2.81 47.05 20.31
CA THR C 278 3.25 46.29 21.47
C THR C 278 4.01 47.17 22.45
N GLY C 286 8.59 38.64 19.47
CA GLY C 286 8.57 39.01 18.06
C GLY C 286 7.37 39.86 17.70
N GLU C 287 7.37 40.41 16.48
CA GLU C 287 6.28 41.24 16.00
C GLU C 287 5.27 40.35 15.31
N PHE C 288 4.00 40.47 15.71
CA PHE C 288 2.91 39.69 15.15
C PHE C 288 1.73 40.60 14.84
N ALA C 289 1.06 40.31 13.72
CA ALA C 289 -0.16 41.03 13.38
C ALA C 289 -1.26 40.70 14.37
N HIS C 290 -1.49 39.41 14.60
CA HIS C 290 -2.51 38.97 15.55
C HIS C 290 -1.88 38.28 16.76
N SER C 291 -2.73 37.80 17.67
CA SER C 291 -2.23 36.89 18.71
C SER C 291 -2.43 35.43 18.33
N SER C 292 -2.92 35.14 17.12
CA SER C 292 -3.15 33.78 16.67
C SER C 292 -2.89 33.68 15.18
N TRP C 293 -3.35 32.59 14.56
CA TRP C 293 -3.07 32.31 13.16
C TRP C 293 -3.82 33.28 12.25
N VAL C 294 -3.10 33.82 11.27
CA VAL C 294 -3.71 34.68 10.24
C VAL C 294 -4.18 33.73 9.14
N MET C 295 -5.49 33.73 8.89
CA MET C 295 -6.09 32.63 8.15
C MET C 295 -6.35 32.99 6.70
N SER C 296 -6.83 34.20 6.44
CA SER C 296 -7.12 34.62 5.08
C SER C 296 -6.92 36.13 4.95
N LEU C 297 -6.61 36.55 3.73
CA LEU C 297 -6.40 37.97 3.42
C LEU C 297 -7.30 38.37 2.26
N SER C 298 -7.25 39.65 1.92
CA SER C 298 -7.98 40.18 0.77
C SER C 298 -7.51 41.59 0.47
N PHE C 299 -7.31 41.87 -0.82
CA PHE C 299 -6.99 43.20 -1.29
C PHE C 299 -8.23 43.85 -1.91
N ASN C 300 -8.35 45.15 -1.70
CA ASN C 300 -9.50 45.89 -2.20
C ASN C 300 -9.35 46.21 -3.69
N ASP C 301 -10.23 47.10 -4.17
CA ASP C 301 -10.34 47.35 -5.60
C ASP C 301 -9.05 47.92 -6.20
N SER C 302 -8.44 48.90 -5.52
CA SER C 302 -7.28 49.62 -6.07
C SER C 302 -6.07 49.59 -5.15
N GLY C 303 -6.10 48.77 -4.11
CA GLY C 303 -4.94 48.57 -3.27
C GLY C 303 -4.68 49.65 -2.24
N GLU C 304 -5.60 49.83 -1.30
CA GLU C 304 -5.40 50.75 -0.18
C GLU C 304 -5.52 50.07 1.19
N THR C 305 -6.15 48.90 1.28
CA THR C 305 -6.40 48.28 2.57
C THR C 305 -6.16 46.77 2.45
N LEU C 306 -5.96 46.15 3.61
CA LEU C 306 -5.79 44.71 3.73
C LEU C 306 -6.72 44.20 4.83
N CYS C 307 -7.15 42.95 4.68
CA CYS C 307 -8.05 42.33 5.66
C CYS C 307 -7.35 41.10 6.22
N SER C 308 -6.98 41.15 7.49
CA SER C 308 -6.32 40.03 8.14
C SER C 308 -7.33 39.23 8.96
N ALA C 309 -7.75 38.11 8.39
CA ALA C 309 -8.69 37.22 9.06
C ALA C 309 -7.95 36.27 9.99
N GLY C 310 -8.13 36.45 11.30
CA GLY C 310 -7.42 35.66 12.29
C GLY C 310 -8.33 34.77 13.10
N TRP C 311 -7.76 33.67 13.59
CA TRP C 311 -8.48 32.77 14.47
C TRP C 311 -8.63 33.33 15.88
N ASP C 312 -7.96 34.46 16.16
CA ASP C 312 -8.08 35.08 17.48
C ASP C 312 -9.52 35.52 17.77
N GLY C 313 -10.21 36.08 16.78
CA GLY C 313 -11.59 36.50 16.97
C GLY C 313 -11.87 37.92 16.57
N LYS C 314 -10.97 38.55 15.81
CA LYS C 314 -11.16 39.91 15.35
C LYS C 314 -10.49 40.10 13.99
N LEU C 315 -10.66 41.30 13.44
CA LEU C 315 -10.11 41.67 12.14
C LEU C 315 -9.28 42.94 12.27
N ARG C 316 -8.14 42.95 11.59
CA ARG C 316 -7.24 44.10 11.59
C ARG C 316 -7.03 44.57 10.15
N PHE C 317 -7.18 45.87 9.95
CA PHE C 317 -7.10 46.47 8.61
C PHE C 317 -5.83 47.31 8.52
N TRP C 318 -5.07 47.13 7.45
CA TRP C 318 -3.75 47.73 7.32
C TRP C 318 -3.65 48.50 6.02
N ASP C 319 -3.04 49.68 6.07
CA ASP C 319 -2.71 50.43 4.87
C ASP C 319 -1.48 49.80 4.24
N VAL C 320 -1.57 49.48 2.95
CA VAL C 320 -0.47 48.80 2.27
C VAL C 320 0.76 49.70 2.19
N LYS C 321 0.57 50.98 1.88
CA LYS C 321 1.70 51.88 1.69
C LYS C 321 2.39 52.22 3.02
N THR C 322 1.60 52.47 4.07
CA THR C 322 2.18 52.95 5.32
C THR C 322 2.48 51.83 6.31
N LYS C 323 1.69 50.76 6.32
CA LYS C 323 1.87 49.58 7.16
C LYS C 323 1.53 49.82 8.64
N GLU C 324 0.55 50.69 8.92
CA GLU C 324 -0.08 50.71 10.23
C GLU C 324 -1.49 50.13 10.15
N ARG C 325 -2.03 49.77 11.31
CA ARG C 325 -3.38 49.21 11.40
C ARG C 325 -4.39 50.36 11.43
N ILE C 326 -5.44 50.25 10.61
CA ILE C 326 -6.42 51.32 10.53
C ILE C 326 -7.42 51.22 11.68
N THR C 327 -7.96 50.02 11.90
CA THR C 327 -8.97 49.84 12.95
C THR C 327 -9.02 48.36 13.31
N THR C 328 -9.74 48.06 14.39
CA THR C 328 -9.93 46.71 14.88
C THR C 328 -11.42 46.41 14.91
N LEU C 329 -11.79 45.22 14.42
CA LEU C 329 -13.19 44.81 14.35
C LEU C 329 -13.38 43.54 15.17
N ASN C 330 -13.97 43.67 16.36
CA ASN C 330 -14.23 42.53 17.20
C ASN C 330 -15.38 41.68 16.61
N MET C 331 -15.32 40.38 16.89
CA MET C 331 -16.35 39.45 16.44
C MET C 331 -16.98 38.79 17.66
N HIS C 332 -18.31 38.81 17.72
CA HIS C 332 -19.03 38.27 18.86
C HIS C 332 -20.20 37.43 18.35
N CYS C 333 -20.56 36.41 19.14
CA CYS C 333 -21.63 35.50 18.72
C CYS C 333 -23.00 36.13 18.87
N ASP C 334 -23.18 36.99 19.89
CA ASP C 334 -24.49 37.57 20.16
C ASP C 334 -24.88 38.60 19.11
N ASP C 335 -23.95 38.98 18.23
CA ASP C 335 -24.25 40.00 17.23
C ASP C 335 -25.25 39.49 16.19
N ILE C 336 -25.52 38.19 16.18
CA ILE C 336 -26.52 37.62 15.29
C ILE C 336 -27.89 38.19 15.66
N GLU C 337 -28.60 38.70 14.66
CA GLU C 337 -29.87 39.40 14.92
C GLU C 337 -30.94 38.45 15.44
N ILE C 338 -31.03 37.23 14.91
CA ILE C 338 -32.01 36.25 15.36
C ILE C 338 -31.45 35.56 16.60
N GLU C 339 -32.22 35.56 17.68
CA GLU C 339 -31.74 35.00 18.95
C GLU C 339 -31.61 33.48 18.87
N GLU C 340 -32.45 32.83 18.06
CA GLU C 340 -32.39 31.38 17.96
C GLU C 340 -31.18 30.90 17.16
N ASP C 341 -30.62 31.77 16.31
CA ASP C 341 -29.48 31.41 15.48
C ASP C 341 -28.13 31.58 16.19
N ILE C 342 -28.13 32.03 17.44
CA ILE C 342 -26.87 32.23 18.16
C ILE C 342 -26.29 30.88 18.55
N LEU C 343 -25.02 30.67 18.22
CA LEU C 343 -24.29 29.43 18.51
C LEU C 343 -23.09 29.79 19.37
N ALA C 344 -23.29 29.78 20.69
CA ALA C 344 -22.24 30.16 21.64
C ALA C 344 -21.68 28.97 22.40
N VAL C 345 -22.23 27.77 22.19
CA VAL C 345 -21.75 26.56 22.87
C VAL C 345 -21.51 25.51 21.80
N ASP C 346 -20.34 24.88 21.85
CA ASP C 346 -20.01 23.88 20.84
C ASP C 346 -20.74 22.57 21.12
N GLU C 347 -20.53 21.60 20.22
CA GLU C 347 -21.14 20.29 20.38
C GLU C 347 -20.65 19.58 21.64
N HIS C 348 -19.36 19.72 21.96
CA HIS C 348 -18.81 19.01 23.11
C HIS C 348 -19.26 19.65 24.42
N GLY C 349 -19.30 20.99 24.47
CA GLY C 349 -19.83 21.65 25.64
C GLY C 349 -19.09 22.87 26.15
N ASP C 350 -18.05 23.33 25.45
CA ASP C 350 -17.35 24.53 25.87
C ASP C 350 -18.03 25.77 25.32
N SER C 351 -17.45 26.95 25.55
CA SER C 351 -18.04 28.19 25.09
C SER C 351 -17.18 28.87 24.03
N LEU C 352 -17.48 28.66 22.75
CA LEU C 352 -16.69 29.30 21.68
C LEU C 352 -17.21 30.69 21.36
N ALA C 353 -17.33 31.51 22.40
CA ALA C 353 -17.89 32.85 22.30
C ALA C 353 -17.15 33.66 21.23
N GLU C 354 -15.83 33.68 21.29
CA GLU C 354 -15.02 34.29 20.24
C GLU C 354 -14.73 33.24 19.18
N PRO C 355 -15.33 33.35 18.00
CA PRO C 355 -15.14 32.32 16.97
C PRO C 355 -13.97 32.63 16.05
N GLY C 356 -13.39 31.58 15.50
CA GLY C 356 -12.39 31.76 14.46
C GLY C 356 -13.02 32.20 13.16
N VAL C 357 -12.20 32.78 12.28
CA VAL C 357 -12.65 33.28 10.99
C VAL C 357 -11.90 32.50 9.93
N PHE C 358 -12.61 31.62 9.22
CA PHE C 358 -11.96 30.79 8.21
C PHE C 358 -11.65 31.59 6.95
N ASP C 359 -12.42 32.63 6.66
CA ASP C 359 -12.18 33.40 5.45
C ASP C 359 -12.85 34.76 5.57
N VAL C 360 -12.29 35.73 4.84
CA VAL C 360 -12.85 37.06 4.68
C VAL C 360 -12.63 37.50 3.23
N LYS C 361 -13.66 38.08 2.63
CA LYS C 361 -13.60 38.46 1.23
C LYS C 361 -14.13 39.89 1.05
N PHE C 362 -13.69 40.50 -0.04
CA PHE C 362 -14.09 41.84 -0.43
C PHE C 362 -15.08 41.79 -1.58
N LEU C 363 -16.16 42.57 -1.47
CA LEU C 363 -17.09 42.79 -2.56
C LEU C 363 -16.86 44.19 -3.11
N LYS C 364 -16.65 44.27 -4.42
CA LYS C 364 -16.13 45.47 -5.05
C LYS C 364 -17.16 46.61 -5.05
N LYS C 365 -16.76 47.69 -5.70
CA LYS C 365 -17.56 48.91 -5.74
C LYS C 365 -18.93 48.65 -6.37
N GLY C 366 -19.99 48.94 -5.61
CA GLY C 366 -21.34 48.85 -6.13
C GLY C 366 -21.94 47.46 -6.19
N TRP C 367 -21.39 46.49 -5.46
CA TRP C 367 -21.90 45.13 -5.54
C TRP C 367 -23.10 44.91 -4.63
N ARG C 368 -23.08 45.46 -3.42
CA ARG C 368 -24.18 45.25 -2.49
C ARG C 368 -25.38 46.13 -2.85
N SER C 369 -26.47 45.93 -2.12
CA SER C 369 -27.69 46.72 -2.26
C SER C 369 -28.01 47.36 -0.92
N GLY C 370 -28.20 48.67 -0.92
CA GLY C 370 -28.50 49.39 0.30
C GLY C 370 -28.03 50.83 0.20
N MET C 371 -27.98 51.47 1.36
CA MET C 371 -27.54 52.86 1.43
C MET C 371 -26.05 52.96 1.12
N GLY C 372 -25.70 53.85 0.19
CA GLY C 372 -24.31 54.07 -0.17
C GLY C 372 -23.62 52.83 -0.71
N ALA C 373 -24.36 51.93 -1.35
CA ALA C 373 -23.77 50.68 -1.83
C ALA C 373 -22.91 50.93 -3.06
N ASP C 374 -23.30 51.91 -3.89
CA ASP C 374 -22.58 52.14 -5.13
C ASP C 374 -21.19 52.70 -4.88
N LEU C 375 -21.07 53.68 -3.98
CA LEU C 375 -19.78 54.34 -3.79
C LEU C 375 -18.90 53.61 -2.78
N ASN C 376 -19.48 52.76 -1.94
CA ASN C 376 -18.73 52.12 -0.87
C ASN C 376 -18.44 50.65 -1.19
N GLU C 377 -17.22 50.23 -0.91
CA GLU C 377 -16.83 48.83 -0.99
C GLU C 377 -17.41 48.07 0.20
N SER C 378 -17.58 46.76 0.03
CA SER C 378 -18.21 45.96 1.07
C SER C 378 -17.31 44.80 1.48
N LEU C 379 -17.58 44.27 2.68
CA LEU C 379 -16.76 43.20 3.24
C LEU C 379 -17.68 42.06 3.64
N CYS C 380 -17.12 40.86 3.72
CA CYS C 380 -17.89 39.70 4.16
C CYS C 380 -16.98 38.72 4.87
N CYS C 381 -17.52 38.05 5.88
CA CYS C 381 -16.74 37.11 6.68
C CYS C 381 -17.60 35.90 7.00
N VAL C 382 -16.91 34.78 7.26
CA VAL C 382 -17.57 33.54 7.67
C VAL C 382 -16.89 33.00 8.92
N CYS C 383 -17.53 33.20 10.07
CA CYS C 383 -16.92 32.85 11.33
C CYS C 383 -17.06 31.35 11.62
N LEU C 384 -16.40 30.90 12.69
CA LEU C 384 -16.38 29.48 13.02
C LEU C 384 -17.67 29.07 13.72
N ASP C 385 -18.41 30.03 14.25
CA ASP C 385 -19.68 29.75 14.91
C ASP C 385 -20.80 29.53 13.88
N ARG C 386 -20.41 29.30 12.64
CA ARG C 386 -21.33 28.97 11.54
C ARG C 386 -22.20 30.17 11.16
N SER C 387 -21.62 31.37 11.16
CA SER C 387 -22.33 32.58 10.80
C SER C 387 -21.61 33.30 9.68
N ILE C 388 -22.37 33.67 8.65
CA ILE C 388 -21.86 34.46 7.54
C ILE C 388 -22.36 35.89 7.73
N ARG C 389 -21.43 36.82 7.94
CA ARG C 389 -21.78 38.19 8.29
C ARG C 389 -21.21 39.15 7.25
N TRP C 390 -22.06 39.99 6.69
CA TRP C 390 -21.62 41.04 5.79
C TRP C 390 -21.33 42.31 6.56
N PHE C 391 -20.59 43.23 5.94
CA PHE C 391 -20.24 44.50 6.55
C PHE C 391 -20.16 45.56 5.48
N ARG C 392 -20.53 46.79 5.85
CA ARG C 392 -20.56 47.93 4.93
C ARG C 392 -19.51 48.96 5.32
N GLU C 393 -18.89 49.57 4.31
CA GLU C 393 -17.87 50.57 4.55
C GLU C 393 -18.49 51.80 5.22
N ALA C 394 -17.76 52.37 6.17
CA ALA C 394 -18.20 53.56 6.88
C ALA C 394 -17.01 54.31 7.48
N THR D 8 15.34 -44.09 -24.77
CA THR D 8 15.64 -43.80 -26.17
C THR D 8 16.76 -42.77 -26.28
N ASN D 9 17.42 -42.75 -27.44
CA ASN D 9 18.52 -41.82 -27.70
C ASN D 9 18.35 -41.08 -29.03
N LYS D 10 17.11 -40.78 -29.41
CA LYS D 10 16.86 -40.16 -30.70
C LYS D 10 17.48 -38.76 -30.79
N ILE D 11 17.38 -37.99 -29.70
CA ILE D 11 17.89 -36.61 -29.64
C ILE D 11 17.15 -35.81 -30.71
N THR D 12 15.95 -35.36 -30.36
CA THR D 12 15.18 -34.53 -31.28
C THR D 12 15.57 -33.06 -31.12
N CYS D 13 15.54 -32.33 -32.23
CA CYS D 13 15.89 -30.92 -32.21
C CYS D 13 14.83 -30.10 -31.48
N THR D 14 15.28 -28.98 -30.90
CA THR D 14 14.34 -28.03 -30.31
C THR D 14 13.48 -27.38 -31.39
N GLN D 15 14.05 -27.11 -32.55
CA GLN D 15 13.31 -26.48 -33.62
C GLN D 15 12.14 -27.35 -34.01
N ASP D 16 12.42 -28.62 -34.22
CA ASP D 16 11.41 -29.53 -34.72
C ASP D 16 10.26 -29.64 -33.72
N PHE D 17 10.58 -29.52 -32.42
CA PHE D 17 9.60 -29.74 -31.38
C PHE D 17 8.41 -28.79 -31.48
N LEU D 18 8.67 -27.49 -31.71
CA LEU D 18 7.57 -26.53 -31.70
C LEU D 18 6.61 -26.77 -32.86
N HIS D 19 7.15 -27.03 -34.06
CA HIS D 19 6.35 -26.92 -35.27
C HIS D 19 5.20 -27.94 -35.32
N GLN D 20 5.43 -29.18 -34.86
CA GLN D 20 4.31 -30.12 -34.80
C GLN D 20 3.24 -29.63 -33.84
N TYR D 21 3.64 -29.22 -32.64
CA TYR D 21 2.68 -28.91 -31.59
C TYR D 21 2.30 -27.44 -31.62
N PHE D 22 1.63 -26.97 -30.56
CA PHE D 22 1.06 -25.63 -30.50
C PHE D 22 2.16 -24.58 -30.66
N VAL D 23 2.06 -23.85 -31.77
CA VAL D 23 3.06 -22.83 -32.10
C VAL D 23 2.52 -21.45 -31.73
N THR D 24 3.43 -20.55 -31.36
CA THR D 24 3.10 -19.13 -31.23
C THR D 24 4.11 -18.24 -31.96
N GLU D 25 5.38 -18.66 -32.03
CA GLU D 25 6.43 -17.96 -32.75
C GLU D 25 6.77 -16.65 -32.02
N ARG D 26 5.99 -16.34 -30.98
CA ARG D 26 6.29 -15.18 -30.16
C ARG D 26 6.88 -15.61 -28.82
N VAL D 27 6.30 -16.64 -28.20
CA VAL D 27 6.81 -17.13 -26.92
C VAL D 27 8.24 -17.64 -27.05
N SER D 28 8.64 -18.02 -28.27
CA SER D 28 10.01 -18.50 -28.47
C SER D 28 11.02 -17.35 -28.40
N ILE D 29 10.54 -16.11 -28.36
CA ILE D 29 11.45 -14.97 -28.31
C ILE D 29 12.04 -14.83 -26.91
N GLN D 30 11.18 -14.67 -25.89
CA GLN D 30 11.68 -14.57 -24.52
C GLN D 30 12.28 -15.90 -24.07
N PHE D 31 11.67 -17.01 -24.48
CA PHE D 31 12.25 -18.32 -24.21
C PHE D 31 13.60 -18.48 -24.90
N GLY D 32 13.77 -17.85 -26.06
CA GLY D 32 15.07 -17.79 -26.71
C GLY D 32 15.54 -19.06 -27.38
N LEU D 33 14.67 -20.06 -27.56
CA LEU D 33 15.07 -21.26 -28.27
C LEU D 33 15.12 -21.02 -29.78
N ASN D 34 14.65 -19.86 -30.23
CA ASN D 34 14.52 -19.61 -31.66
C ASN D 34 15.88 -19.30 -32.29
N ASN D 35 16.30 -20.19 -33.19
CA ASN D 35 17.32 -19.89 -34.19
C ASN D 35 17.05 -20.73 -35.43
N LYS D 36 16.28 -20.20 -36.36
CA LYS D 36 15.74 -21.00 -37.46
C LYS D 36 16.59 -20.84 -38.74
N THR D 37 17.85 -21.19 -38.61
CA THR D 37 18.79 -21.15 -39.74
C THR D 37 19.36 -22.51 -40.09
N VAL D 38 19.83 -23.27 -39.11
CA VAL D 38 20.47 -24.55 -39.38
C VAL D 38 19.45 -25.57 -39.87
N LYS D 39 18.27 -25.60 -39.24
CA LYS D 39 17.16 -26.50 -39.57
C LYS D 39 17.50 -27.94 -39.17
N ARG D 40 16.48 -28.76 -38.97
CA ARG D 40 16.69 -30.16 -38.60
C ARG D 40 16.99 -30.98 -39.85
N ILE D 41 17.90 -31.95 -39.70
CA ILE D 41 18.44 -32.72 -40.80
C ILE D 41 18.13 -34.19 -40.57
N ASN D 42 17.42 -34.82 -41.52
CA ASN D 42 17.05 -36.22 -41.38
C ASN D 42 18.26 -37.12 -41.60
N LYS D 43 18.24 -38.29 -40.92
CA LYS D 43 19.46 -39.10 -40.78
C LYS D 43 20.00 -39.56 -42.14
N ASP D 44 19.16 -40.18 -42.97
CA ASP D 44 19.63 -40.59 -44.29
C ASP D 44 19.96 -39.37 -45.16
N GLU D 45 19.11 -38.35 -45.11
CA GLU D 45 19.40 -37.11 -45.80
C GLU D 45 20.65 -36.44 -45.21
N PHE D 46 20.87 -36.62 -43.90
CA PHE D 46 22.11 -36.14 -43.30
C PHE D 46 23.32 -36.83 -43.90
N ASP D 47 23.24 -38.16 -44.05
CA ASP D 47 24.37 -38.90 -44.61
C ASP D 47 24.66 -38.44 -46.03
N LYS D 48 23.62 -38.32 -46.86
CA LYS D 48 23.85 -37.90 -48.24
C LYS D 48 24.36 -36.46 -48.29
N ALA D 49 23.89 -35.61 -47.37
CA ALA D 49 24.33 -34.23 -47.36
C ALA D 49 25.80 -34.12 -46.97
N VAL D 50 26.23 -34.86 -45.94
CA VAL D 50 27.63 -34.78 -45.54
C VAL D 50 28.52 -35.41 -46.60
N ASN D 51 28.01 -36.44 -47.31
CA ASN D 51 28.76 -36.98 -48.43
C ASN D 51 28.96 -35.94 -49.53
N CYS D 52 27.91 -35.17 -49.86
CA CYS D 52 28.06 -34.11 -50.84
C CYS D 52 29.03 -33.02 -50.36
N ILE D 53 28.95 -32.65 -49.08
CA ILE D 53 29.85 -31.64 -48.54
C ILE D 53 31.30 -32.11 -48.60
N MET D 54 31.56 -33.37 -48.25
CA MET D 54 32.90 -33.94 -48.32
C MET D 54 33.38 -34.01 -49.77
N SER D 55 32.49 -34.40 -50.69
CA SER D 55 32.86 -34.50 -52.09
C SER D 55 33.20 -33.14 -52.69
N TRP D 56 32.59 -32.08 -52.17
CA TRP D 56 32.94 -30.74 -52.65
C TRP D 56 34.41 -30.42 -52.38
N THR D 57 34.91 -30.82 -51.21
CA THR D 57 36.26 -30.43 -50.81
C THR D 57 37.31 -31.01 -51.75
N ASN D 58 37.11 -32.26 -52.20
CA ASN D 58 38.07 -32.96 -53.05
C ASN D 58 39.41 -33.09 -52.33
MG MG F . 0.47 10.22 17.95
#